data_5YZH
#
_entry.id   5YZH
#
_cell.length_a   97.372
_cell.length_b   91.289
_cell.length_c   109.381
_cell.angle_alpha   90.00
_cell.angle_beta   113.34
_cell.angle_gamma   90.00
#
_symmetry.space_group_name_H-M   'C 1 2 1'
#
loop_
_entity.id
_entity.type
_entity.pdbx_description
1 polymer 'Isocitrate dehydrogenase [NADP] cytoplasmic'
2 non-polymer 'NADP NICOTINAMIDE-ADENINE-DINUCLEOTIDE PHOSPHATE'
3 non-polymer GLYCEROL
4 water water
#
_entity_poly.entity_id   1
_entity_poly.type   'polypeptide(L)'
_entity_poly.pdbx_seq_one_letter_code
;MSRKIQGGSVVEMQGDEMTRIIWELIKEKLILPYVELDLHSYDLGIENRDATNDQVTKDAAEAIKKYNVGVKCATITPDE
KRVEEFKLKQMWKSPNGTIRNILGGTVFREAIICKNIPRLVTGWVKPIIIGRHAYGDQYRATDFVVPGPGKVEITYTPKD
GTQKVTYMVHDFEEGGGVAMGMYNQDKSIEDFAHSSFQMALSKGWPLYLSTKNTILKKYDGRFKDIFQEIYDKKYKSQFE
AQKICYEHRLIDDMVAQAMKSEGGFIWACKNYDGDVQSDSVAQGYGSLGMMTSVLICPDGKTVEAEAAHGTVTRHYRMYQ
KGQETSTNPIASIFAWSRGLAHRAKLDNNTELSFFAKALEDVCIETIEAGFMTKDLAACIKGLPNVQRSDYLNTFEFMDK
LGENLKAKLAQAKL
;
_entity_poly.pdbx_strand_id   A,B
#
loop_
_chem_comp.id
_chem_comp.type
_chem_comp.name
_chem_comp.formula
GOL non-polymer GLYCEROL 'C3 H8 O3'
NAP non-polymer 'NADP NICOTINAMIDE-ADENINE-DINUCLEOTIDE PHOSPHATE' 'C21 H28 N7 O17 P3'
#
# COMPACT_ATOMS: atom_id res chain seq x y z
N ARG A 3 -34.58 30.90 -15.37
CA ARG A 3 -34.52 29.56 -15.97
C ARG A 3 -33.23 28.85 -15.57
N LYS A 4 -33.21 27.54 -15.76
CA LYS A 4 -32.05 26.74 -15.37
C LYS A 4 -30.92 26.84 -16.37
N ILE A 5 -29.69 26.66 -15.88
CA ILE A 5 -28.52 26.60 -16.74
C ILE A 5 -28.67 25.44 -17.72
N GLN A 6 -28.36 25.69 -18.99
CA GLN A 6 -28.39 24.65 -20.01
C GLN A 6 -27.04 23.93 -20.01
N GLY A 7 -27.03 22.72 -19.45
CA GLY A 7 -25.78 22.05 -19.14
C GLY A 7 -25.19 21.11 -20.17
N GLY A 8 -26.00 20.57 -21.06
CA GLY A 8 -25.48 19.66 -22.08
C GLY A 8 -25.49 18.19 -21.66
N SER A 9 -24.71 17.37 -22.35
CA SER A 9 -24.80 15.93 -22.17
C SER A 9 -23.80 15.40 -21.15
N VAL A 10 -24.31 14.65 -20.18
CA VAL A 10 -23.50 14.04 -19.13
C VAL A 10 -23.95 12.61 -18.90
N VAL A 11 -22.99 11.69 -18.80
CA VAL A 11 -23.32 10.32 -18.49
C VAL A 11 -23.34 10.12 -16.97
N GLU A 12 -24.50 9.70 -16.47
CA GLU A 12 -24.68 9.45 -15.05
C GLU A 12 -24.72 7.95 -14.76
N MET A 13 -23.94 7.52 -13.79
CA MET A 13 -23.94 6.12 -13.39
C MET A 13 -24.36 6.00 -11.93
N GLN A 14 -25.55 5.44 -11.72
CA GLN A 14 -26.08 5.24 -10.38
C GLN A 14 -25.47 3.99 -9.75
N GLY A 15 -25.30 4.02 -8.43
CA GLY A 15 -24.60 2.95 -7.74
C GLY A 15 -25.40 2.23 -6.67
N ASP A 16 -24.74 1.98 -5.54
CA ASP A 16 -25.29 1.06 -4.54
C ASP A 16 -25.33 1.62 -3.13
N GLU A 17 -26.24 1.03 -2.35
CA GLU A 17 -26.30 1.18 -0.91
C GLU A 17 -26.26 2.66 -0.48
N MET A 18 -25.37 3.02 0.45
CA MET A 18 -25.47 4.35 1.04
C MET A 18 -25.24 5.47 0.02
N THR A 19 -24.25 5.28 -0.85
CA THR A 19 -23.94 6.29 -1.86
C THR A 19 -25.08 6.46 -2.85
N ARG A 20 -25.86 5.41 -3.09
CA ARG A 20 -27.02 5.48 -3.98
C ARG A 20 -28.05 6.44 -3.41
N ILE A 21 -28.25 6.36 -2.10
CA ILE A 21 -29.18 7.24 -1.40
C ILE A 21 -28.71 8.70 -1.47
N ILE A 22 -27.45 8.92 -1.11
CA ILE A 22 -26.83 10.25 -1.18
C ILE A 22 -26.90 10.82 -2.59
N TRP A 23 -26.62 9.98 -3.57
CA TRP A 23 -26.63 10.35 -4.99
C TRP A 23 -27.95 11.00 -5.40
N GLU A 24 -29.04 10.41 -4.96
CA GLU A 24 -30.38 10.92 -5.27
C GLU A 24 -30.63 12.25 -4.56
N LEU A 25 -30.17 12.38 -3.33
CA LEU A 25 -30.32 13.62 -2.58
C LEU A 25 -29.55 14.75 -3.26
N ILE A 26 -28.37 14.42 -3.77
CA ILE A 26 -27.55 15.39 -4.49
C ILE A 26 -28.25 15.88 -5.76
N LYS A 27 -28.78 14.97 -6.56
CA LYS A 27 -29.48 15.35 -7.78
C LYS A 27 -30.68 16.23 -7.45
N GLU A 28 -31.48 15.78 -6.49
CA GLU A 28 -32.70 16.48 -6.12
C GLU A 28 -32.45 17.85 -5.48
N LYS A 29 -31.46 17.94 -4.59
CA LYS A 29 -31.29 19.15 -3.80
C LYS A 29 -30.23 20.13 -4.32
N LEU A 30 -29.29 19.65 -5.12
CA LEU A 30 -28.16 20.49 -5.50
C LEU A 30 -27.96 20.67 -7.01
N ILE A 31 -28.47 19.74 -7.81
CA ILE A 31 -28.22 19.80 -9.25
C ILE A 31 -29.45 20.21 -10.05
N LEU A 32 -30.46 19.35 -10.06
CA LEU A 32 -31.67 19.55 -10.84
C LEU A 32 -32.37 20.91 -10.67
N PRO A 33 -32.42 21.45 -9.44
CA PRO A 33 -33.08 22.75 -9.35
C PRO A 33 -32.38 23.88 -10.11
N TYR A 34 -31.11 23.70 -10.47
CA TYR A 34 -30.37 24.80 -11.08
C TYR A 34 -29.86 24.50 -12.48
N VAL A 35 -29.73 23.21 -12.80
CA VAL A 35 -29.15 22.84 -14.08
C VAL A 35 -30.04 21.87 -14.87
N GLU A 36 -30.22 22.18 -16.15
CA GLU A 36 -30.94 21.27 -17.03
C GLU A 36 -29.92 20.50 -17.86
N LEU A 37 -29.89 19.18 -17.67
CA LEU A 37 -28.91 18.33 -18.31
C LEU A 37 -29.56 17.34 -19.24
N ASP A 38 -28.88 17.04 -20.34
CA ASP A 38 -29.19 15.83 -21.10
C ASP A 38 -28.51 14.66 -20.39
N LEU A 39 -29.20 14.12 -19.40
CA LEU A 39 -28.65 13.08 -18.56
C LEU A 39 -28.79 11.71 -19.20
N HIS A 40 -27.67 11.12 -19.59
CA HIS A 40 -27.66 9.73 -20.04
C HIS A 40 -27.40 8.83 -18.84
N SER A 41 -28.48 8.32 -18.26
CA SER A 41 -28.40 7.62 -16.99
C SER A 41 -28.28 6.11 -17.18
N TYR A 42 -27.36 5.52 -16.43
CA TYR A 42 -27.15 4.08 -16.43
C TYR A 42 -27.15 3.59 -15.00
N ASP A 43 -28.07 2.68 -14.68
CA ASP A 43 -28.16 2.14 -13.34
C ASP A 43 -27.11 1.06 -13.18
N LEU A 44 -26.03 1.38 -12.49
CA LEU A 44 -24.99 0.41 -12.19
C LEU A 44 -25.19 -0.14 -10.78
N GLY A 45 -26.42 -0.04 -10.28
CA GLY A 45 -26.78 -0.76 -9.07
C GLY A 45 -26.55 -2.23 -9.32
N ILE A 46 -26.25 -2.99 -8.27
CA ILE A 46 -25.87 -4.39 -8.42
C ILE A 46 -27.00 -5.22 -9.04
N GLU A 47 -28.25 -4.88 -8.71
CA GLU A 47 -29.38 -5.65 -9.23
C GLU A 47 -29.51 -5.47 -10.74
N ASN A 48 -29.37 -4.24 -11.21
CA ASN A 48 -29.51 -3.97 -12.62
C ASN A 48 -28.37 -4.58 -13.43
N ARG A 49 -27.16 -4.56 -12.86
CA ARG A 49 -26.01 -5.18 -13.49
C ARG A 49 -26.24 -6.68 -13.65
N ASP A 50 -26.76 -7.30 -12.59
CA ASP A 50 -27.08 -8.72 -12.65
C ASP A 50 -28.20 -8.97 -13.67
N ALA A 51 -29.21 -8.11 -13.65
CA ALA A 51 -30.31 -8.18 -14.61
C ALA A 51 -29.81 -8.15 -16.06
N THR A 52 -28.83 -7.30 -16.33
CA THR A 52 -28.37 -7.09 -17.70
C THR A 52 -27.12 -7.91 -18.03
N ASN A 53 -26.77 -8.85 -17.17
CA ASN A 53 -25.52 -9.60 -17.29
C ASN A 53 -24.33 -8.66 -17.45
N ASP A 54 -24.35 -7.58 -16.66
CA ASP A 54 -23.31 -6.54 -16.66
C ASP A 54 -23.19 -5.77 -17.98
N GLN A 55 -24.13 -5.96 -18.89
CA GLN A 55 -24.10 -5.23 -20.15
C GLN A 55 -24.25 -3.72 -19.93
N VAL A 56 -24.99 -3.34 -18.89
CA VAL A 56 -25.23 -1.93 -18.60
C VAL A 56 -23.92 -1.20 -18.26
N THR A 57 -22.96 -1.93 -17.70
CA THR A 57 -21.67 -1.33 -17.35
C THR A 57 -20.87 -0.98 -18.59
N LYS A 58 -20.80 -1.93 -19.52
CA LYS A 58 -20.15 -1.69 -20.80
C LYS A 58 -20.84 -0.58 -21.59
N ASP A 59 -22.18 -0.55 -21.54
CA ASP A 59 -22.93 0.49 -22.23
C ASP A 59 -22.63 1.87 -21.68
N ALA A 60 -22.43 1.96 -20.36
CA ALA A 60 -22.11 3.23 -19.72
C ALA A 60 -20.74 3.73 -20.17
N ALA A 61 -19.77 2.83 -20.26
CA ALA A 61 -18.42 3.20 -20.67
C ALA A 61 -18.42 3.72 -22.11
N GLU A 62 -19.20 3.07 -22.97
CA GLU A 62 -19.31 3.52 -24.35
C GLU A 62 -19.96 4.90 -24.42
N ALA A 63 -20.93 5.14 -23.55
CA ALA A 63 -21.60 6.44 -23.53
C ALA A 63 -20.63 7.55 -23.11
N ILE A 64 -19.74 7.24 -22.18
CA ILE A 64 -18.72 8.20 -21.77
C ILE A 64 -17.82 8.57 -22.94
N LYS A 65 -17.49 7.61 -23.78
CA LYS A 65 -16.72 7.86 -25.00
C LYS A 65 -17.42 8.85 -25.91
N LYS A 66 -18.75 8.75 -25.97
CA LYS A 66 -19.54 9.59 -26.86
C LYS A 66 -19.65 11.04 -26.36
N TYR A 67 -19.87 11.21 -25.06
CA TYR A 67 -20.24 12.52 -24.55
C TYR A 67 -19.14 13.18 -23.70
N ASN A 68 -18.06 12.43 -23.49
CA ASN A 68 -16.81 12.92 -22.89
C ASN A 68 -16.85 13.23 -21.40
N VAL A 69 -18.03 13.07 -20.78
CA VAL A 69 -18.17 13.34 -19.35
C VAL A 69 -18.97 12.26 -18.64
N GLY A 70 -18.34 11.62 -17.67
CA GLY A 70 -19.03 10.66 -16.81
C GLY A 70 -18.98 11.08 -15.35
N VAL A 71 -20.09 10.88 -14.66
CA VAL A 71 -20.10 11.06 -13.20
C VAL A 71 -20.63 9.77 -12.58
N LYS A 72 -19.82 9.12 -11.75
CA LYS A 72 -20.13 7.79 -11.26
C LYS A 72 -20.28 7.66 -9.75
N CYS A 73 -21.36 7.00 -9.35
CA CYS A 73 -21.64 6.66 -7.97
C CYS A 73 -20.92 5.36 -7.59
N ALA A 74 -20.52 5.24 -6.33
CA ALA A 74 -19.83 4.04 -5.87
C ALA A 74 -20.69 2.80 -6.06
N THR A 75 -20.04 1.69 -6.39
CA THR A 75 -20.74 0.46 -6.72
C THR A 75 -20.21 -0.74 -5.96
N ILE A 76 -21.10 -1.69 -5.68
CA ILE A 76 -20.71 -2.96 -5.11
C ILE A 76 -19.95 -3.81 -6.11
N THR A 77 -18.75 -4.24 -5.75
CA THR A 77 -18.07 -5.30 -6.49
C THR A 77 -18.28 -6.61 -5.74
N PRO A 78 -18.96 -7.57 -6.37
CA PRO A 78 -19.42 -8.77 -5.64
C PRO A 78 -18.36 -9.86 -5.42
N ASP A 79 -18.38 -10.43 -4.22
CA ASP A 79 -17.70 -11.68 -3.93
C ASP A 79 -18.77 -12.74 -3.63
N GLU A 80 -18.39 -13.85 -3.00
CA GLU A 80 -19.35 -14.92 -2.74
C GLU A 80 -20.51 -14.45 -1.84
N LYS A 81 -20.18 -13.64 -0.85
CA LYS A 81 -21.19 -13.14 0.09
C LYS A 81 -22.22 -12.28 -0.62
N ARG A 82 -21.77 -11.46 -1.57
CA ARG A 82 -22.69 -10.62 -2.33
C ARG A 82 -23.57 -11.45 -3.24
N VAL A 83 -22.98 -12.50 -3.83
CA VAL A 83 -23.74 -13.42 -4.67
C VAL A 83 -24.90 -14.00 -3.87
N GLU A 84 -24.61 -14.44 -2.64
CA GLU A 84 -25.66 -14.94 -1.75
C GLU A 84 -26.66 -13.84 -1.40
N GLU A 85 -26.15 -12.65 -1.08
CA GLU A 85 -27.00 -11.57 -0.60
C GLU A 85 -28.03 -11.12 -1.65
N PHE A 86 -27.60 -11.06 -2.91
CA PHE A 86 -28.46 -10.54 -3.96
C PHE A 86 -28.92 -11.64 -4.93
N LYS A 87 -28.58 -12.89 -4.63
CA LYS A 87 -28.91 -14.02 -5.50
C LYS A 87 -28.41 -13.78 -6.92
N LEU A 88 -27.11 -13.52 -7.05
CA LEU A 88 -26.52 -13.14 -8.32
C LEU A 88 -26.28 -14.35 -9.23
N LYS A 89 -26.30 -14.09 -10.54
CA LYS A 89 -26.04 -15.13 -11.53
C LYS A 89 -24.55 -15.48 -11.58
N GLN A 90 -23.72 -14.45 -11.44
CA GLN A 90 -22.28 -14.59 -11.49
C GLN A 90 -21.61 -13.62 -10.51
N MET A 91 -20.35 -13.89 -10.19
CA MET A 91 -19.54 -12.92 -9.45
C MET A 91 -19.02 -11.86 -10.40
N TRP A 92 -19.86 -10.89 -10.72
CA TRP A 92 -19.53 -9.85 -11.70
C TRP A 92 -18.25 -9.12 -11.35
N LYS A 93 -17.49 -8.77 -12.38
CA LYS A 93 -16.27 -7.99 -12.20
C LYS A 93 -16.60 -6.56 -11.80
N SER A 94 -15.64 -5.90 -11.14
CA SER A 94 -15.78 -4.50 -10.77
C SER A 94 -16.20 -3.64 -11.95
N PRO A 95 -17.28 -2.85 -11.79
CA PRO A 95 -17.70 -1.94 -12.85
C PRO A 95 -16.62 -0.89 -13.11
N ASN A 96 -15.92 -0.50 -12.07
CA ASN A 96 -14.83 0.46 -12.20
C ASN A 96 -13.70 -0.11 -13.04
N GLY A 97 -13.32 -1.35 -12.76
CA GLY A 97 -12.31 -2.04 -13.53
C GLY A 97 -12.70 -2.15 -14.99
N THR A 98 -13.98 -2.39 -15.23
CA THR A 98 -14.47 -2.53 -16.60
C THR A 98 -14.47 -1.19 -17.34
N ILE A 99 -14.96 -0.15 -16.67
CA ILE A 99 -15.01 1.18 -17.27
C ILE A 99 -13.60 1.69 -17.55
N ARG A 100 -12.73 1.58 -16.55
CA ARG A 100 -11.35 2.02 -16.72
C ARG A 100 -10.63 1.23 -17.80
N ASN A 101 -10.93 -0.07 -17.89
CA ASN A 101 -10.28 -0.91 -18.89
C ASN A 101 -10.62 -0.48 -20.29
N ILE A 102 -11.85 -0.01 -20.46
CA ILE A 102 -12.33 0.45 -21.76
C ILE A 102 -11.80 1.84 -22.09
N LEU A 103 -11.84 2.75 -21.13
CA LEU A 103 -11.50 4.15 -21.40
C LEU A 103 -9.99 4.39 -21.39
N GLY A 104 -9.28 3.73 -20.49
CA GLY A 104 -7.86 3.97 -20.31
C GLY A 104 -7.61 5.28 -19.59
N GLY A 105 -6.35 5.59 -19.31
CA GLY A 105 -6.00 6.87 -18.72
C GLY A 105 -5.43 6.76 -17.33
N THR A 106 -5.42 7.89 -16.63
CA THR A 106 -4.88 7.97 -15.28
C THR A 106 -5.92 8.55 -14.35
N VAL A 107 -6.12 7.91 -13.21
CA VAL A 107 -7.03 8.40 -12.20
C VAL A 107 -6.30 9.33 -11.24
N PHE A 108 -6.63 10.61 -11.28
CA PHE A 108 -5.98 11.56 -10.40
C PHE A 108 -6.82 11.79 -9.17
N ARG A 109 -6.19 11.59 -8.02
CA ARG A 109 -6.86 11.70 -6.75
C ARG A 109 -6.17 12.71 -5.85
N GLU A 110 -6.97 13.42 -5.08
CA GLU A 110 -6.46 14.52 -4.28
C GLU A 110 -7.45 14.84 -3.17
N ALA A 111 -6.93 15.19 -1.99
CA ALA A 111 -7.77 15.55 -0.87
C ALA A 111 -8.55 16.84 -1.12
N ILE A 112 -9.72 16.92 -0.49
CA ILE A 112 -10.52 18.13 -0.44
C ILE A 112 -10.28 18.77 0.91
N ILE A 113 -9.72 19.97 0.91
CA ILE A 113 -9.18 20.56 2.14
C ILE A 113 -10.05 21.68 2.72
N CYS A 114 -10.34 21.56 4.02
CA CYS A 114 -11.01 22.62 4.78
C CYS A 114 -10.09 23.11 5.90
N LYS A 115 -10.05 24.44 6.08
CA LYS A 115 -9.14 25.06 7.02
C LYS A 115 -9.33 24.59 8.46
N ASN A 116 -10.55 24.19 8.81
CA ASN A 116 -10.87 23.89 10.20
C ASN A 116 -10.77 22.40 10.52
N ILE A 117 -10.25 21.61 9.58
CA ILE A 117 -10.16 20.16 9.76
C ILE A 117 -8.73 19.72 9.99
N PRO A 118 -8.41 19.28 11.22
CA PRO A 118 -7.08 18.75 11.51
C PRO A 118 -6.79 17.48 10.73
N ARG A 119 -5.54 17.31 10.30
CA ARG A 119 -5.11 16.09 9.64
C ARG A 119 -4.65 15.07 10.65
N LEU A 120 -4.62 13.80 10.24
CA LEU A 120 -3.98 12.77 11.05
C LEU A 120 -2.47 12.81 10.87
N VAL A 121 -2.03 13.24 9.68
CA VAL A 121 -0.60 13.37 9.39
C VAL A 121 -0.18 14.84 9.53
N THR A 122 0.74 15.08 10.46
CA THR A 122 1.05 16.44 10.88
C THR A 122 1.67 17.33 9.80
N GLY A 123 2.53 16.75 8.96
CA GLY A 123 3.31 17.56 8.04
C GLY A 123 2.68 18.01 6.74
N TRP A 124 1.54 17.43 6.35
CA TRP A 124 1.00 17.66 5.01
C TRP A 124 0.30 19.01 4.85
N VAL A 125 1.10 20.07 4.73
CA VAL A 125 0.55 21.42 4.58
C VAL A 125 0.31 21.74 3.11
N LYS A 126 0.81 20.87 2.24
CA LYS A 126 0.59 21.01 0.81
C LYS A 126 -0.06 19.75 0.25
N PRO A 127 -0.77 19.88 -0.89
CA PRO A 127 -1.52 18.75 -1.45
C PRO A 127 -0.64 17.68 -2.05
N ILE A 128 -1.04 16.43 -1.81
CA ILE A 128 -0.45 15.28 -2.47
C ILE A 128 -1.42 14.83 -3.55
N ILE A 129 -0.94 14.77 -4.78
CA ILE A 129 -1.77 14.32 -5.89
C ILE A 129 -1.28 12.96 -6.38
N ILE A 130 -2.15 11.96 -6.29
CA ILE A 130 -1.82 10.64 -6.79
C ILE A 130 -2.33 10.49 -8.23
N GLY A 131 -1.44 10.08 -9.12
CA GLY A 131 -1.80 9.72 -10.47
C GLY A 131 -1.82 8.20 -10.55
N ARG A 132 -3.02 7.63 -10.51
CA ARG A 132 -3.17 6.18 -10.50
C ARG A 132 -3.37 5.64 -11.91
N HIS A 133 -2.42 4.82 -12.37
CA HIS A 133 -2.57 4.13 -13.65
C HIS A 133 -3.84 3.28 -13.62
N ALA A 134 -4.72 3.49 -14.61
CA ALA A 134 -6.07 2.97 -14.51
C ALA A 134 -6.23 1.62 -15.20
N TYR A 135 -5.14 1.10 -15.76
CA TYR A 135 -5.20 -0.08 -16.60
C TYR A 135 -4.38 -1.26 -16.08
N GLY A 136 -4.92 -2.47 -16.25
CA GLY A 136 -4.15 -3.69 -16.08
C GLY A 136 -3.75 -4.10 -14.68
N ASP A 137 -2.68 -4.88 -14.61
CA ASP A 137 -2.19 -5.48 -13.37
C ASP A 137 -3.29 -6.28 -12.69
N GLN A 138 -3.43 -6.12 -11.37
CA GLN A 138 -4.38 -6.91 -10.60
C GLN A 138 -5.84 -6.72 -11.03
N TYR A 139 -6.12 -5.60 -11.70
CA TYR A 139 -7.50 -5.23 -12.00
C TYR A 139 -7.97 -5.77 -13.35
N ARG A 140 -7.10 -6.50 -14.04
CA ARG A 140 -7.50 -7.25 -15.23
C ARG A 140 -6.77 -8.58 -15.24
N ALA A 141 -6.67 -9.18 -14.05
CA ALA A 141 -5.90 -10.38 -13.87
C ALA A 141 -6.71 -11.65 -14.15
N THR A 142 -6.00 -12.75 -14.32
CA THR A 142 -6.64 -14.05 -14.48
C THR A 142 -6.19 -14.94 -13.35
N ASP A 143 -7.04 -15.10 -12.33
CA ASP A 143 -6.66 -15.87 -11.15
C ASP A 143 -7.53 -17.11 -10.98
N PHE A 144 -7.00 -18.12 -10.30
CA PHE A 144 -7.74 -19.36 -10.11
C PHE A 144 -7.20 -20.17 -8.93
N VAL A 145 -8.03 -21.04 -8.40
CA VAL A 145 -7.63 -21.96 -7.35
C VAL A 145 -6.90 -23.14 -7.97
N VAL A 146 -5.74 -23.46 -7.39
CA VAL A 146 -5.00 -24.66 -7.76
C VAL A 146 -5.51 -25.79 -6.87
N PRO A 147 -6.23 -26.75 -7.47
CA PRO A 147 -6.99 -27.75 -6.71
C PRO A 147 -6.13 -28.82 -6.04
N GLY A 148 -4.92 -29.01 -6.53
CA GLY A 148 -4.05 -30.04 -6.00
C GLY A 148 -2.72 -30.06 -6.73
N PRO A 149 -1.90 -31.08 -6.46
CA PRO A 149 -0.55 -31.18 -7.03
C PRO A 149 -0.54 -31.05 -8.55
N GLY A 150 0.46 -30.35 -9.07
CA GLY A 150 0.57 -30.10 -10.49
C GLY A 150 1.39 -28.85 -10.74
N LYS A 151 1.66 -28.57 -12.01
CA LYS A 151 2.49 -27.43 -12.35
C LYS A 151 1.65 -26.30 -12.94
N VAL A 152 1.95 -25.07 -12.54
CA VAL A 152 1.41 -23.89 -13.20
C VAL A 152 2.52 -23.27 -14.03
N GLU A 153 2.24 -23.01 -15.30
CA GLU A 153 3.20 -22.37 -16.19
C GLU A 153 2.51 -21.22 -16.91
N ILE A 154 3.30 -20.26 -17.37
CA ILE A 154 2.76 -19.14 -18.11
C ILE A 154 3.50 -19.09 -19.44
N THR A 155 2.75 -18.95 -20.53
CA THR A 155 3.31 -19.12 -21.88
C THR A 155 3.11 -17.89 -22.76
N TYR A 156 4.16 -17.51 -23.50
CA TYR A 156 4.04 -16.44 -24.47
C TYR A 156 4.17 -17.00 -25.89
N THR A 157 3.17 -16.73 -26.71
CA THR A 157 3.17 -17.16 -28.09
C THR A 157 3.06 -15.95 -28.99
N PRO A 158 4.18 -15.57 -29.62
CA PRO A 158 4.17 -14.41 -30.51
C PRO A 158 3.27 -14.63 -31.73
N LYS A 159 2.65 -13.55 -32.18
CA LYS A 159 1.82 -13.61 -33.38
C LYS A 159 2.67 -13.96 -34.61
N ASP A 160 3.95 -13.59 -34.56
CA ASP A 160 4.82 -13.63 -35.73
C ASP A 160 5.55 -14.97 -35.91
N GLY A 161 5.05 -16.03 -35.30
CA GLY A 161 5.60 -17.35 -35.52
C GLY A 161 6.98 -17.62 -34.94
N THR A 162 7.61 -16.61 -34.34
CA THR A 162 8.90 -16.85 -33.68
C THR A 162 8.71 -17.78 -32.47
N GLN A 163 9.75 -17.90 -31.64
CA GLN A 163 9.76 -18.93 -30.61
C GLN A 163 8.64 -18.75 -29.58
N LYS A 164 8.01 -19.86 -29.20
CA LYS A 164 7.04 -19.89 -28.12
C LYS A 164 7.75 -20.16 -26.80
N VAL A 165 7.45 -19.37 -25.77
CA VAL A 165 8.20 -19.48 -24.52
C VAL A 165 7.32 -19.87 -23.34
N THR A 166 7.73 -20.90 -22.61
CA THR A 166 6.98 -21.36 -21.45
C THR A 166 7.80 -21.18 -20.17
N TYR A 167 7.25 -20.41 -19.23
CA TYR A 167 7.91 -20.14 -17.96
C TYR A 167 7.28 -20.94 -16.83
N MET A 168 8.09 -21.55 -15.98
CA MET A 168 7.57 -22.21 -14.79
C MET A 168 7.09 -21.15 -13.81
N VAL A 169 5.85 -21.25 -13.38
CA VAL A 169 5.38 -20.39 -12.31
C VAL A 169 5.62 -21.11 -10.98
N HIS A 170 5.05 -22.30 -10.85
CA HIS A 170 5.27 -23.11 -9.66
C HIS A 170 4.89 -24.56 -9.87
N ASP A 171 5.67 -25.45 -9.27
CA ASP A 171 5.31 -26.86 -9.22
C ASP A 171 4.75 -27.17 -7.83
N PHE A 172 3.44 -27.29 -7.74
CA PHE A 172 2.79 -27.72 -6.50
C PHE A 172 3.02 -29.21 -6.30
N GLU A 173 3.90 -29.56 -5.36
CA GLU A 173 4.26 -30.96 -5.15
C GLU A 173 3.28 -31.68 -4.24
N GLU A 174 2.78 -30.98 -3.23
CA GLU A 174 1.68 -31.51 -2.42
C GLU A 174 0.66 -30.43 -2.13
N GLY A 175 -0.61 -30.79 -2.17
CA GLY A 175 -1.67 -29.84 -1.95
C GLY A 175 -1.82 -28.85 -3.09
N GLY A 176 -2.72 -27.90 -2.92
CA GLY A 176 -2.94 -26.89 -3.93
C GLY A 176 -2.64 -25.50 -3.41
N GLY A 177 -3.37 -24.53 -3.94
CA GLY A 177 -3.19 -23.15 -3.55
C GLY A 177 -3.90 -22.26 -4.56
N VAL A 178 -3.22 -21.20 -4.98
CA VAL A 178 -3.77 -20.27 -5.95
C VAL A 178 -2.69 -19.80 -6.91
N ALA A 179 -3.12 -19.32 -8.06
CA ALA A 179 -2.19 -18.75 -9.03
C ALA A 179 -2.92 -17.71 -9.84
N MET A 180 -2.15 -16.82 -10.44
CA MET A 180 -2.73 -15.82 -11.32
C MET A 180 -1.72 -15.32 -12.33
N GLY A 181 -2.24 -14.87 -13.47
CA GLY A 181 -1.43 -14.15 -14.42
C GLY A 181 -1.97 -12.74 -14.50
N MET A 182 -1.08 -11.77 -14.66
CA MET A 182 -1.52 -10.41 -14.91
C MET A 182 -0.54 -9.73 -15.87
N TYR A 183 -0.92 -8.57 -16.37
CA TYR A 183 -0.16 -7.97 -17.45
C TYR A 183 -0.37 -6.46 -17.53
N ASN A 184 0.46 -5.81 -18.32
CA ASN A 184 0.19 -4.45 -18.75
C ASN A 184 0.74 -4.21 -20.15
N GLN A 185 0.36 -3.08 -20.76
CA GLN A 185 0.72 -2.76 -22.15
C GLN A 185 1.58 -1.50 -22.24
N ASP A 186 2.57 -1.54 -23.13
CA ASP A 186 3.50 -0.43 -23.34
C ASP A 186 2.77 0.90 -23.59
N LYS A 187 1.80 0.87 -24.50
CA LYS A 187 1.06 2.07 -24.86
C LYS A 187 0.37 2.66 -23.63
N SER A 188 -0.19 1.81 -22.79
CA SER A 188 -0.90 2.28 -21.61
C SER A 188 0.08 2.89 -20.62
N ILE A 189 1.21 2.23 -20.44
CA ILE A 189 2.26 2.73 -19.56
C ILE A 189 2.78 4.06 -20.08
N GLU A 190 2.93 4.16 -21.41
CA GLU A 190 3.36 5.41 -22.04
C GLU A 190 2.37 6.54 -21.80
N ASP A 191 1.07 6.27 -21.96
CA ASP A 191 0.05 7.28 -21.67
C ASP A 191 0.14 7.72 -20.22
N PHE A 192 0.36 6.75 -19.36
CA PHE A 192 0.48 6.96 -17.92
C PHE A 192 1.64 7.89 -17.60
N ALA A 193 2.81 7.62 -18.21
CA ALA A 193 3.98 8.47 -18.05
C ALA A 193 3.71 9.90 -18.48
N HIS A 194 3.19 10.06 -19.69
CA HIS A 194 2.88 11.37 -20.22
C HIS A 194 1.92 12.14 -19.32
N SER A 195 0.87 11.47 -18.84
CA SER A 195 -0.09 12.13 -17.98
C SER A 195 0.60 12.60 -16.70
N SER A 196 1.55 11.79 -16.22
CA SER A 196 2.25 12.09 -14.97
C SER A 196 3.15 13.32 -15.10
N PHE A 197 4.00 13.36 -16.12
CA PHE A 197 4.90 14.49 -16.33
C PHE A 197 4.12 15.78 -16.58
N GLN A 198 3.03 15.67 -17.34
CA GLN A 198 2.19 16.82 -17.66
C GLN A 198 1.52 17.39 -16.42
N MET A 199 1.03 16.52 -15.55
CA MET A 199 0.37 16.96 -14.31
C MET A 199 1.36 17.70 -13.42
N ALA A 200 2.57 17.15 -13.31
CA ALA A 200 3.63 17.78 -12.53
C ALA A 200 3.99 19.15 -13.08
N LEU A 201 4.08 19.26 -14.40
CA LEU A 201 4.41 20.54 -15.05
C LEU A 201 3.29 21.57 -14.91
N SER A 202 2.04 21.11 -14.95
CA SER A 202 0.91 22.01 -14.79
C SER A 202 0.83 22.56 -13.36
N LYS A 203 1.23 21.74 -12.39
CA LYS A 203 1.20 22.15 -10.98
C LYS A 203 2.48 22.89 -10.58
N GLY A 204 3.58 22.58 -11.25
CA GLY A 204 4.88 23.12 -10.89
C GLY A 204 5.46 22.37 -9.71
N TRP A 205 5.13 21.09 -9.61
CA TRP A 205 5.57 20.25 -8.50
C TRP A 205 6.46 19.10 -8.98
N PRO A 206 7.32 18.59 -8.09
CA PRO A 206 8.09 17.40 -8.45
C PRO A 206 7.20 16.18 -8.68
N LEU A 207 7.72 15.21 -9.43
CA LEU A 207 7.00 13.99 -9.73
C LEU A 207 7.78 12.78 -9.23
N TYR A 208 7.10 11.84 -8.60
CA TYR A 208 7.72 10.59 -8.20
C TYR A 208 6.96 9.38 -8.76
N LEU A 209 7.71 8.42 -9.28
CA LEU A 209 7.13 7.14 -9.68
C LEU A 209 7.56 6.08 -8.68
N SER A 210 6.60 5.32 -8.15
CA SER A 210 6.93 4.19 -7.29
C SER A 210 6.72 2.85 -8.01
N THR A 211 7.72 1.99 -7.94
CA THR A 211 7.59 0.60 -8.38
C THR A 211 8.29 -0.32 -7.39
N LYS A 212 8.28 -1.62 -7.69
CA LYS A 212 9.06 -2.58 -6.93
C LYS A 212 10.00 -3.29 -7.90
N ASN A 213 10.73 -2.51 -8.67
CA ASN A 213 11.52 -3.06 -9.78
C ASN A 213 12.69 -3.92 -9.32
N THR A 214 13.06 -3.81 -8.05
CA THR A 214 14.09 -4.70 -7.51
C THR A 214 13.57 -6.14 -7.44
N ILE A 215 12.27 -6.29 -7.24
CA ILE A 215 11.66 -7.61 -7.11
C ILE A 215 11.07 -8.08 -8.43
N LEU A 216 10.25 -7.23 -9.05
CA LEU A 216 9.71 -7.49 -10.38
C LEU A 216 10.60 -6.78 -11.38
N LYS A 217 11.77 -7.36 -11.62
CA LYS A 217 12.81 -6.70 -12.40
C LYS A 217 12.36 -6.41 -13.81
N LYS A 218 11.57 -7.30 -14.40
CA LYS A 218 11.10 -7.10 -15.77
C LYS A 218 9.79 -6.30 -15.83
N TYR A 219 8.79 -6.78 -15.10
CA TYR A 219 7.46 -6.16 -15.08
C TYR A 219 7.53 -4.70 -14.66
N ASP A 220 8.01 -4.45 -13.44
CA ASP A 220 8.11 -3.09 -12.93
C ASP A 220 9.26 -2.32 -13.57
N GLY A 221 10.30 -3.03 -13.99
CA GLY A 221 11.40 -2.42 -14.72
C GLY A 221 10.92 -1.72 -15.99
N ARG A 222 9.88 -2.29 -16.60
CA ARG A 222 9.32 -1.69 -17.80
C ARG A 222 8.71 -0.31 -17.53
N PHE A 223 7.98 -0.20 -16.43
CA PHE A 223 7.42 1.07 -16.00
C PHE A 223 8.55 2.09 -15.80
N LYS A 224 9.54 1.70 -15.01
CA LYS A 224 10.68 2.56 -14.71
C LYS A 224 11.37 3.03 -15.99
N ASP A 225 11.65 2.10 -16.90
CA ASP A 225 12.32 2.42 -18.16
C ASP A 225 11.52 3.38 -19.03
N ILE A 226 10.23 3.13 -19.18
CA ILE A 226 9.38 3.93 -20.05
C ILE A 226 9.25 5.36 -19.53
N PHE A 227 9.11 5.49 -18.22
CA PHE A 227 9.08 6.81 -17.60
C PHE A 227 10.37 7.58 -17.84
N GLN A 228 11.50 6.93 -17.57
CA GLN A 228 12.81 7.55 -17.78
C GLN A 228 13.01 7.94 -19.25
N GLU A 229 12.68 7.03 -20.15
CA GLU A 229 12.82 7.30 -21.58
C GLU A 229 11.99 8.53 -21.98
N ILE A 230 10.71 8.50 -21.66
CA ILE A 230 9.81 9.59 -22.03
C ILE A 230 10.24 10.92 -21.41
N TYR A 231 10.77 10.85 -20.19
CA TYR A 231 11.31 12.02 -19.53
C TYR A 231 12.51 12.61 -20.28
N ASP A 232 13.46 11.75 -20.62
CA ASP A 232 14.70 12.17 -21.28
C ASP A 232 14.46 12.74 -22.66
N LYS A 233 13.36 12.33 -23.28
CA LYS A 233 13.07 12.71 -24.66
C LYS A 233 12.09 13.88 -24.74
N LYS A 234 11.17 13.97 -23.79
CA LYS A 234 10.07 14.92 -23.94
C LYS A 234 9.97 16.01 -22.88
N TYR A 235 10.33 15.72 -21.64
CA TYR A 235 10.01 16.64 -20.54
C TYR A 235 11.19 17.13 -19.72
N LYS A 236 12.38 16.59 -19.96
CA LYS A 236 13.56 16.91 -19.14
C LYS A 236 13.86 18.41 -19.09
N SER A 237 13.88 19.05 -20.25
CA SER A 237 14.18 20.47 -20.32
C SER A 237 13.07 21.31 -19.68
N GLN A 238 11.83 20.88 -19.86
CA GLN A 238 10.70 21.57 -19.25
C GLN A 238 10.80 21.52 -17.74
N PHE A 239 11.08 20.33 -17.21
CA PHE A 239 11.27 20.15 -15.77
C PHE A 239 12.39 21.04 -15.24
N GLU A 240 13.53 21.02 -15.94
CA GLU A 240 14.68 21.83 -15.54
C GLU A 240 14.37 23.31 -15.54
N ALA A 241 13.51 23.73 -16.47
CA ALA A 241 13.12 25.14 -16.58
C ALA A 241 12.29 25.60 -15.39
N GLN A 242 11.44 24.71 -14.88
CA GLN A 242 10.58 25.05 -13.74
C GLN A 242 11.23 24.60 -12.45
N LYS A 243 12.47 24.16 -12.55
CA LYS A 243 13.27 23.71 -11.39
C LYS A 243 12.52 22.68 -10.54
N ILE A 244 11.82 21.76 -11.21
CA ILE A 244 11.26 20.60 -10.52
C ILE A 244 12.01 19.35 -10.98
N CYS A 245 11.87 18.27 -10.24
CA CYS A 245 12.56 17.02 -10.58
C CYS A 245 11.61 15.85 -10.77
N TYR A 246 12.06 14.85 -11.53
CA TYR A 246 11.41 13.56 -11.56
C TYR A 246 12.32 12.50 -10.94
N GLU A 247 11.73 11.66 -10.09
CA GLU A 247 12.52 10.63 -9.43
C GLU A 247 11.75 9.32 -9.31
N HIS A 248 12.45 8.22 -9.57
CA HIS A 248 11.90 6.91 -9.30
C HIS A 248 12.32 6.45 -7.92
N ARG A 249 11.37 5.94 -7.15
CA ARG A 249 11.66 5.38 -5.84
CA ARG A 249 11.69 5.35 -5.85
C ARG A 249 10.97 4.02 -5.70
N LEU A 250 11.56 3.14 -4.89
CA LEU A 250 10.90 1.89 -4.55
C LEU A 250 9.68 2.22 -3.70
N ILE A 251 8.60 1.45 -3.85
CA ILE A 251 7.34 1.77 -3.18
C ILE A 251 7.51 1.82 -1.65
N ASP A 252 8.31 0.91 -1.10
CA ASP A 252 8.70 0.93 0.32
C ASP A 252 9.16 2.30 0.78
N ASP A 253 10.23 2.75 0.14
CA ASP A 253 10.82 4.04 0.39
C ASP A 253 9.80 5.17 0.17
N MET A 254 9.06 5.08 -0.94
CA MET A 254 8.16 6.15 -1.33
C MET A 254 7.03 6.41 -0.32
N VAL A 255 6.42 5.37 0.24
CA VAL A 255 5.30 5.60 1.15
C VAL A 255 5.81 6.24 2.44
N ALA A 256 7.01 5.84 2.86
CA ALA A 256 7.67 6.47 4.00
C ALA A 256 8.02 7.93 3.70
N GLN A 257 8.54 8.17 2.50
CA GLN A 257 8.86 9.53 2.08
C GLN A 257 7.62 10.41 2.08
N ALA A 258 6.50 9.86 1.61
CA ALA A 258 5.26 10.63 1.54
C ALA A 258 4.74 10.97 2.94
N MET A 259 4.83 10.00 3.84
CA MET A 259 4.37 10.15 5.20
C MET A 259 5.08 11.32 5.92
N LYS A 260 6.37 11.51 5.65
CA LYS A 260 7.13 12.54 6.36
C LYS A 260 7.29 13.83 5.57
N SER A 261 6.79 13.84 4.34
CA SER A 261 6.92 15.04 3.52
C SER A 261 5.95 16.14 3.96
N GLU A 262 6.06 17.30 3.34
CA GLU A 262 5.12 18.39 3.58
C GLU A 262 4.05 18.41 2.49
N GLY A 263 4.09 17.40 1.62
CA GLY A 263 3.19 17.36 0.48
C GLY A 263 3.72 18.20 -0.65
N GLY A 264 2.87 18.52 -1.62
CA GLY A 264 3.27 19.38 -2.72
C GLY A 264 4.01 18.60 -3.78
N PHE A 265 3.50 17.43 -4.14
CA PHE A 265 4.11 16.64 -5.19
C PHE A 265 3.10 15.75 -5.90
N ILE A 266 3.47 15.34 -7.11
CA ILE A 266 2.69 14.43 -7.92
C ILE A 266 3.24 13.02 -7.73
N TRP A 267 2.36 12.07 -7.45
CA TRP A 267 2.78 10.71 -7.12
C TRP A 267 2.18 9.73 -8.11
N ALA A 268 2.99 9.30 -9.07
CA ALA A 268 2.55 8.35 -10.08
C ALA A 268 2.57 6.94 -9.51
N CYS A 269 1.39 6.33 -9.38
CA CYS A 269 1.29 4.99 -8.82
C CYS A 269 0.82 3.97 -9.85
N LYS A 270 1.34 2.76 -9.77
CA LYS A 270 0.77 1.64 -10.49
C LYS A 270 -0.67 1.44 -9.99
N ASN A 271 -1.47 0.76 -10.80
CA ASN A 271 -2.90 0.60 -10.51
C ASN A 271 -3.20 0.27 -9.04
N TYR A 272 -2.60 -0.81 -8.54
CA TYR A 272 -2.87 -1.27 -7.18
C TYR A 272 -2.41 -0.27 -6.11
N ASP A 273 -1.17 0.21 -6.23
CA ASP A 273 -0.65 1.21 -5.29
C ASP A 273 -1.48 2.48 -5.27
N GLY A 274 -1.97 2.88 -6.44
CA GLY A 274 -2.80 4.07 -6.55
C GLY A 274 -4.11 3.89 -5.79
N ASP A 275 -4.66 2.68 -5.88
CA ASP A 275 -5.88 2.37 -5.15
C ASP A 275 -5.64 2.46 -3.63
N VAL A 276 -4.70 1.67 -3.14
CA VAL A 276 -4.43 1.59 -1.71
C VAL A 276 -3.94 2.91 -1.11
N GLN A 277 -2.95 3.55 -1.74
CA GLN A 277 -2.35 4.73 -1.13
C GLN A 277 -3.25 5.97 -1.23
N SER A 278 -4.16 6.01 -2.20
CA SER A 278 -5.05 7.16 -2.29
C SER A 278 -6.01 7.15 -1.10
N ASP A 279 -6.36 5.98 -0.60
CA ASP A 279 -7.23 5.93 0.57
C ASP A 279 -6.44 6.20 1.84
N SER A 280 -5.18 5.78 1.87
CA SER A 280 -4.30 6.10 2.98
C SER A 280 -4.11 7.62 3.07
N VAL A 281 -3.84 8.25 1.93
CA VAL A 281 -3.65 9.70 1.88
C VAL A 281 -4.94 10.45 2.24
N ALA A 282 -6.06 10.06 1.63
CA ALA A 282 -7.35 10.69 1.94
C ALA A 282 -7.66 10.66 3.42
N GLN A 283 -7.47 9.50 4.04
CA GLN A 283 -7.69 9.39 5.47
C GLN A 283 -6.68 10.27 6.22
N GLY A 284 -5.45 10.32 5.70
CA GLY A 284 -4.41 11.14 6.28
C GLY A 284 -4.78 12.60 6.41
N TYR A 285 -5.44 13.15 5.39
CA TYR A 285 -5.86 14.54 5.40
C TYR A 285 -7.13 14.77 6.22
N GLY A 286 -7.93 13.72 6.41
CA GLY A 286 -9.13 13.86 7.21
C GLY A 286 -10.21 12.78 7.04
N SER A 287 -10.58 12.48 5.81
CA SER A 287 -11.66 11.53 5.57
C SER A 287 -11.71 11.01 4.14
N LEU A 288 -12.18 9.78 3.96
CA LEU A 288 -12.40 9.24 2.62
C LEU A 288 -13.49 10.03 1.91
N GLY A 289 -14.31 10.72 2.69
CA GLY A 289 -15.36 11.56 2.14
C GLY A 289 -14.83 12.84 1.53
N MET A 290 -13.55 13.13 1.78
CA MET A 290 -12.96 14.39 1.35
C MET A 290 -11.81 14.16 0.38
N MET A 291 -12.14 13.63 -0.79
CA MET A 291 -11.14 13.38 -1.82
C MET A 291 -11.82 13.36 -3.20
N THR A 292 -11.17 13.97 -4.18
CA THR A 292 -11.66 13.95 -5.55
C THR A 292 -10.98 12.84 -6.33
N SER A 293 -11.68 12.31 -7.33
CA SER A 293 -11.12 11.26 -8.16
C SER A 293 -11.63 11.45 -9.57
N VAL A 294 -10.71 11.67 -10.50
CA VAL A 294 -11.12 11.89 -11.88
C VAL A 294 -10.25 11.10 -12.82
N LEU A 295 -10.88 10.21 -13.58
CA LEU A 295 -10.18 9.52 -14.64
C LEU A 295 -10.01 10.48 -15.81
N ILE A 296 -8.77 10.83 -16.12
CA ILE A 296 -8.47 11.67 -17.28
C ILE A 296 -7.96 10.76 -18.39
N CYS A 297 -8.75 10.63 -19.45
CA CYS A 297 -8.45 9.72 -20.54
C CYS A 297 -7.36 10.30 -21.46
N PRO A 298 -6.66 9.43 -22.20
CA PRO A 298 -5.53 9.89 -23.02
C PRO A 298 -5.90 10.86 -24.14
N ASP A 299 -7.18 10.97 -24.49
CA ASP A 299 -7.57 11.83 -25.60
C ASP A 299 -7.59 13.32 -25.22
N GLY A 300 -7.43 13.60 -23.93
CA GLY A 300 -7.47 14.97 -23.45
C GLY A 300 -8.84 15.64 -23.54
N LYS A 301 -9.89 14.84 -23.67
CA LYS A 301 -11.25 15.38 -23.81
C LYS A 301 -12.23 14.68 -22.88
N THR A 302 -11.96 13.42 -22.61
CA THR A 302 -12.90 12.57 -21.90
C THR A 302 -12.46 12.41 -20.45
N VAL A 303 -13.40 12.61 -19.53
CA VAL A 303 -13.14 12.40 -18.12
C VAL A 303 -14.29 11.66 -17.46
N GLU A 304 -13.97 10.92 -16.40
CA GLU A 304 -14.98 10.30 -15.56
C GLU A 304 -14.69 10.68 -14.11
N ALA A 305 -15.63 11.37 -13.49
CA ALA A 305 -15.46 11.80 -12.11
C ALA A 305 -16.25 10.89 -11.18
N GLU A 306 -15.70 10.65 -9.99
CA GLU A 306 -16.24 9.66 -9.07
C GLU A 306 -15.79 9.98 -7.65
N ALA A 307 -16.43 9.39 -6.65
CA ALA A 307 -15.85 9.37 -5.33
C ALA A 307 -14.84 8.23 -5.28
N ALA A 308 -13.76 8.39 -4.53
CA ALA A 308 -12.76 7.33 -4.44
C ALA A 308 -13.21 6.22 -3.47
N HIS A 309 -14.09 6.57 -2.54
CA HIS A 309 -14.55 5.62 -1.54
C HIS A 309 -15.64 4.70 -2.08
N GLY A 310 -16.00 3.70 -1.29
CA GLY A 310 -17.02 2.77 -1.72
C GLY A 310 -18.44 3.17 -1.37
N THR A 311 -19.31 2.17 -1.31
CA THR A 311 -20.73 2.38 -1.11
C THR A 311 -21.08 2.61 0.36
N VAL A 312 -20.06 2.55 1.21
CA VAL A 312 -20.17 2.75 2.66
C VAL A 312 -21.18 1.78 3.26
N THR A 313 -20.99 0.49 2.97
CA THR A 313 -21.86 -0.59 3.42
C THR A 313 -22.20 -0.51 4.90
N ARG A 314 -21.20 -0.30 5.74
CA ARG A 314 -21.40 -0.29 7.19
C ARG A 314 -22.42 0.77 7.62
N HIS A 315 -22.36 1.94 7.01
CA HIS A 315 -23.35 2.99 7.29
C HIS A 315 -24.72 2.60 6.74
N TYR A 316 -24.70 1.92 5.61
CA TYR A 316 -25.94 1.46 4.99
C TYR A 316 -26.64 0.44 5.87
N ARG A 317 -25.87 -0.44 6.51
CA ARG A 317 -26.45 -1.42 7.43
C ARG A 317 -27.14 -0.71 8.60
N MET A 318 -26.47 0.31 9.13
CA MET A 318 -27.03 1.19 10.15
C MET A 318 -28.34 1.80 9.67
N TYR A 319 -28.34 2.25 8.41
CA TYR A 319 -29.52 2.87 7.82
C TYR A 319 -30.67 1.87 7.71
N GLN A 320 -30.33 0.64 7.31
CA GLN A 320 -31.33 -0.42 7.19
C GLN A 320 -31.95 -0.79 8.55
N LYS A 321 -31.20 -0.55 9.63
CA LYS A 321 -31.68 -0.87 10.98
C LYS A 321 -32.11 0.37 11.75
N GLY A 322 -32.29 1.47 11.04
CA GLY A 322 -32.80 2.69 11.63
C GLY A 322 -31.89 3.44 12.58
N GLN A 323 -30.64 3.01 12.68
CA GLN A 323 -29.65 3.80 13.38
C GLN A 323 -29.35 5.04 12.55
N GLU A 324 -29.45 6.22 13.17
CA GLU A 324 -29.18 7.47 12.46
C GLU A 324 -27.78 7.48 11.87
N THR A 325 -27.67 7.86 10.60
CA THR A 325 -26.38 7.86 9.92
C THR A 325 -25.87 9.28 9.65
N SER A 326 -24.56 9.40 9.52
CA SER A 326 -23.94 10.68 9.20
C SER A 326 -22.82 10.44 8.18
N THR A 327 -23.22 10.14 6.95
CA THR A 327 -22.27 9.81 5.90
C THR A 327 -21.87 11.08 5.14
N ASN A 328 -20.58 11.22 4.88
CA ASN A 328 -20.05 12.39 4.18
C ASN A 328 -20.33 12.34 2.69
N PRO A 329 -21.08 13.33 2.18
CA PRO A 329 -21.46 13.36 0.76
C PRO A 329 -20.51 14.17 -0.13
N ILE A 330 -19.50 14.83 0.47
CA ILE A 330 -18.68 15.78 -0.29
C ILE A 330 -18.00 15.14 -1.52
N ALA A 331 -17.37 13.98 -1.34
CA ALA A 331 -16.71 13.31 -2.45
C ALA A 331 -17.68 13.05 -3.60
N SER A 332 -18.89 12.61 -3.26
CA SER A 332 -19.92 12.36 -4.27
C SER A 332 -20.37 13.65 -4.95
N ILE A 333 -20.50 14.73 -4.16
CA ILE A 333 -20.88 16.02 -4.73
C ILE A 333 -19.81 16.53 -5.69
N PHE A 334 -18.55 16.33 -5.32
CA PHE A 334 -17.45 16.79 -6.15
C PHE A 334 -17.30 15.95 -7.42
N ALA A 335 -17.85 14.73 -7.42
CA ALA A 335 -17.93 13.98 -8.68
C ALA A 335 -18.79 14.77 -9.67
N TRP A 336 -19.90 15.29 -9.17
CA TRP A 336 -20.79 16.10 -9.98
C TRP A 336 -20.13 17.42 -10.39
N SER A 337 -19.56 18.13 -9.43
CA SER A 337 -18.96 19.43 -9.74
C SER A 337 -17.77 19.27 -10.68
N ARG A 338 -16.91 18.26 -10.46
CA ARG A 338 -15.77 18.07 -11.34
C ARG A 338 -16.21 17.64 -12.75
N GLY A 339 -17.26 16.82 -12.81
CA GLY A 339 -17.79 16.39 -14.09
C GLY A 339 -18.47 17.53 -14.82
N LEU A 340 -19.26 18.32 -14.09
CA LEU A 340 -19.91 19.48 -14.68
C LEU A 340 -18.91 20.56 -15.10
N ALA A 341 -17.84 20.71 -14.33
CA ALA A 341 -16.81 21.70 -14.66
C ALA A 341 -16.13 21.34 -15.99
N HIS A 342 -15.91 20.05 -16.21
CA HIS A 342 -15.31 19.60 -17.46
C HIS A 342 -16.28 19.77 -18.61
N ARG A 343 -17.54 19.45 -18.37
CA ARG A 343 -18.61 19.68 -19.34
C ARG A 343 -18.63 21.15 -19.76
N ALA A 344 -18.55 22.03 -18.76
CA ALA A 344 -18.53 23.47 -18.99
C ALA A 344 -17.29 23.88 -19.80
N LYS A 345 -16.14 23.32 -19.45
CA LYS A 345 -14.89 23.66 -20.11
C LYS A 345 -14.92 23.31 -21.59
N LEU A 346 -15.48 22.13 -21.90
CA LEU A 346 -15.58 21.68 -23.29
C LEU A 346 -16.50 22.58 -24.11
N ASP A 347 -17.46 23.21 -23.45
CA ASP A 347 -18.48 23.98 -24.17
C ASP A 347 -18.27 25.48 -24.01
N ASN A 348 -17.22 25.88 -23.30
CA ASN A 348 -17.03 27.27 -22.90
C ASN A 348 -18.32 27.81 -22.29
N ASN A 349 -18.93 27.01 -21.42
CA ASN A 349 -20.19 27.35 -20.77
C ASN A 349 -19.95 28.11 -19.47
N THR A 350 -19.87 29.43 -19.57
CA THR A 350 -19.51 30.28 -18.43
C THR A 350 -20.41 30.07 -17.22
N GLU A 351 -21.72 30.00 -17.46
CA GLU A 351 -22.67 29.83 -16.36
C GLU A 351 -22.49 28.49 -15.64
N LEU A 352 -22.25 27.43 -16.42
CA LEU A 352 -22.07 26.11 -15.82
C LEU A 352 -20.79 26.05 -15.02
N SER A 353 -19.71 26.62 -15.56
CA SER A 353 -18.46 26.75 -14.83
C SER A 353 -18.67 27.46 -13.49
N PHE A 354 -19.41 28.56 -13.52
CA PHE A 354 -19.70 29.30 -12.30
C PHE A 354 -20.45 28.42 -11.31
N PHE A 355 -21.46 27.71 -11.81
CA PHE A 355 -22.25 26.84 -10.96
C PHE A 355 -21.40 25.75 -10.30
N ALA A 356 -20.50 25.17 -11.08
CA ALA A 356 -19.66 24.08 -10.59
C ALA A 356 -18.73 24.55 -9.48
N LYS A 357 -18.13 25.72 -9.64
CA LYS A 357 -17.25 26.25 -8.60
C LYS A 357 -18.06 26.63 -7.38
N ALA A 358 -19.25 27.19 -7.61
CA ALA A 358 -20.15 27.57 -6.54
C ALA A 358 -20.59 26.36 -5.72
N LEU A 359 -20.77 25.24 -6.39
CA LEU A 359 -21.11 23.99 -5.73
C LEU A 359 -20.01 23.55 -4.77
N GLU A 360 -18.77 23.64 -5.23
CA GLU A 360 -17.61 23.29 -4.42
C GLU A 360 -17.39 24.29 -3.27
N ASP A 361 -17.53 25.57 -3.57
CA ASP A 361 -17.39 26.62 -2.56
C ASP A 361 -18.41 26.43 -1.44
N VAL A 362 -19.64 26.06 -1.79
CA VAL A 362 -20.68 25.86 -0.80
C VAL A 362 -20.29 24.74 0.17
N CYS A 363 -19.74 23.66 -0.37
CA CYS A 363 -19.28 22.55 0.47
C CYS A 363 -18.21 22.97 1.47
N ILE A 364 -17.19 23.68 0.98
CA ILE A 364 -16.08 24.09 1.83
C ILE A 364 -16.53 25.14 2.86
N GLU A 365 -17.32 26.11 2.39
CA GLU A 365 -17.79 27.17 3.28
C GLU A 365 -18.66 26.61 4.39
N THR A 366 -19.52 25.67 4.05
CA THR A 366 -20.43 25.08 5.00
C THR A 366 -19.69 24.34 6.10
N ILE A 367 -18.67 23.57 5.70
CA ILE A 367 -17.85 22.85 6.64
C ILE A 367 -17.02 23.81 7.49
N GLU A 368 -16.43 24.81 6.85
CA GLU A 368 -15.58 25.76 7.58
C GLU A 368 -16.39 26.62 8.54
N ALA A 369 -17.69 26.77 8.27
CA ALA A 369 -18.59 27.49 9.17
C ALA A 369 -19.02 26.62 10.34
N GLY A 370 -18.62 25.35 10.33
CA GLY A 370 -18.83 24.47 11.46
C GLY A 370 -19.96 23.47 11.31
N PHE A 371 -20.52 23.38 10.11
CA PHE A 371 -21.57 22.40 9.83
C PHE A 371 -20.98 21.23 9.07
N MET A 372 -20.99 20.04 9.69
CA MET A 372 -20.31 18.89 9.09
C MET A 372 -20.88 17.55 9.55
N THR A 373 -20.52 16.50 8.82
CA THR A 373 -20.90 15.15 9.21
C THR A 373 -19.95 14.63 10.29
N LYS A 374 -20.29 13.49 10.87
CA LYS A 374 -19.60 12.98 12.06
C LYS A 374 -18.12 12.72 11.82
N ASP A 375 -17.77 12.27 10.62
CA ASP A 375 -16.37 11.96 10.32
C ASP A 375 -15.51 13.21 10.47
N LEU A 376 -15.99 14.34 9.97
CA LEU A 376 -15.24 15.59 10.09
C LEU A 376 -15.22 16.08 11.54
N ALA A 377 -16.36 16.00 12.22
CA ALA A 377 -16.43 16.40 13.63
C ALA A 377 -15.44 15.57 14.45
N ALA A 378 -15.34 14.28 14.12
CA ALA A 378 -14.33 13.42 14.73
C ALA A 378 -12.91 13.90 14.48
N CYS A 379 -12.66 14.49 13.31
CA CYS A 379 -11.32 15.02 13.02
C CYS A 379 -10.96 16.15 13.97
N ILE A 380 -11.96 16.99 14.28
CA ILE A 380 -11.73 18.14 15.13
C ILE A 380 -11.63 17.76 16.62
N LYS A 381 -12.61 16.99 17.09
CA LYS A 381 -12.73 16.68 18.52
C LYS A 381 -11.97 15.43 18.93
N GLY A 382 -11.75 14.53 17.98
CA GLY A 382 -11.30 13.19 18.32
C GLY A 382 -12.56 12.38 18.58
N LEU A 383 -12.61 11.16 18.05
CA LEU A 383 -13.83 10.35 18.10
C LEU A 383 -14.48 10.20 19.49
N PRO A 384 -13.69 9.91 20.54
CA PRO A 384 -14.34 9.74 21.85
C PRO A 384 -15.05 10.99 22.39
N ASN A 385 -14.63 12.17 21.94
CA ASN A 385 -15.20 13.42 22.43
C ASN A 385 -16.40 13.94 21.64
N VAL A 386 -16.77 13.25 20.57
CA VAL A 386 -17.80 13.76 19.67
C VAL A 386 -19.21 13.66 20.25
N GLN A 387 -19.88 14.80 20.34
CA GLN A 387 -21.28 14.85 20.74
C GLN A 387 -22.18 14.88 19.51
N ARG A 388 -23.42 14.46 19.67
CA ARG A 388 -24.41 14.52 18.59
C ARG A 388 -24.59 15.95 18.11
N SER A 389 -24.43 16.89 19.03
CA SER A 389 -24.54 18.32 18.70
C SER A 389 -23.40 18.80 17.79
N ASP A 390 -22.32 18.02 17.71
CA ASP A 390 -21.15 18.43 16.94
C ASP A 390 -21.32 18.23 15.44
N TYR A 391 -22.29 17.42 15.03
CA TYR A 391 -22.44 17.13 13.62
C TYR A 391 -23.90 17.06 13.19
N LEU A 392 -24.08 16.88 11.89
CA LEU A 392 -25.40 16.73 11.30
C LEU A 392 -25.52 15.33 10.72
N ASN A 393 -26.72 14.77 10.74
CA ASN A 393 -26.91 13.48 10.12
C ASN A 393 -26.93 13.68 8.62
N THR A 394 -26.92 12.58 7.88
CA THR A 394 -26.77 12.63 6.43
C THR A 394 -27.81 13.50 5.75
N PHE A 395 -29.07 13.39 6.16
CA PHE A 395 -30.12 14.19 5.54
C PHE A 395 -30.02 15.66 5.96
N GLU A 396 -29.70 15.90 7.22
CA GLU A 396 -29.54 17.26 7.72
C GLU A 396 -28.41 17.99 7.00
N PHE A 397 -27.29 17.31 6.79
CA PHE A 397 -26.16 17.94 6.12
C PHE A 397 -26.50 18.27 4.66
N MET A 398 -27.13 17.33 3.96
CA MET A 398 -27.58 17.58 2.58
C MET A 398 -28.54 18.76 2.49
N ASP A 399 -29.45 18.86 3.46
CA ASP A 399 -30.41 19.96 3.49
C ASP A 399 -29.70 21.30 3.74
N LYS A 400 -28.71 21.29 4.62
CA LYS A 400 -27.92 22.48 4.94
C LYS A 400 -27.13 22.99 3.74
N LEU A 401 -26.55 22.05 2.98
CA LEU A 401 -25.86 22.39 1.74
C LEU A 401 -26.83 23.00 0.73
N GLY A 402 -27.99 22.38 0.60
CA GLY A 402 -29.02 22.85 -0.32
C GLY A 402 -29.46 24.27 0.01
N GLU A 403 -29.58 24.58 1.30
CA GLU A 403 -30.00 25.91 1.72
C GLU A 403 -28.91 26.93 1.41
N ASN A 404 -27.66 26.56 1.70
CA ASN A 404 -26.54 27.43 1.43
C ASN A 404 -26.30 27.65 -0.06
N LEU A 405 -26.52 26.61 -0.86
CA LEU A 405 -26.34 26.72 -2.31
C LEU A 405 -27.41 27.65 -2.89
N LYS A 406 -28.66 27.44 -2.48
CA LYS A 406 -29.77 28.29 -2.91
C LYS A 406 -29.45 29.76 -2.62
N ALA A 407 -28.99 30.03 -1.40
CA ALA A 407 -28.63 31.39 -0.99
C ALA A 407 -27.48 31.96 -1.82
N LYS A 408 -26.45 31.15 -2.08
CA LYS A 408 -25.29 31.62 -2.83
C LYS A 408 -25.65 31.94 -4.28
N LEU A 409 -26.45 31.07 -4.89
CA LEU A 409 -26.83 31.27 -6.29
C LEU A 409 -27.83 32.43 -6.39
N ALA A 410 -28.54 32.70 -5.30
CA ALA A 410 -29.50 33.80 -5.26
C ALA A 410 -28.77 35.14 -5.20
N GLN A 411 -27.75 35.21 -4.35
CA GLN A 411 -26.89 36.39 -4.26
C GLN A 411 -26.28 36.78 -5.60
N ALA A 412 -25.56 35.84 -6.18
CA ALA A 412 -24.89 36.02 -7.45
C ALA A 412 -25.81 36.59 -8.53
N LYS A 413 -27.07 36.13 -8.55
CA LYS A 413 -28.00 36.64 -9.54
C LYS A 413 -28.43 38.08 -9.26
N LEU A 414 -28.44 38.46 -7.98
CA LEU A 414 -28.75 39.82 -7.59
C LEU A 414 -27.54 40.73 -7.83
N LYS B 4 32.56 -13.57 29.66
CA LYS B 4 31.55 -13.31 28.64
C LYS B 4 30.43 -14.34 28.69
N ILE B 5 29.23 -13.93 28.31
CA ILE B 5 28.08 -14.83 28.26
C ILE B 5 28.24 -15.84 27.12
N GLN B 6 27.92 -17.10 27.38
CA GLN B 6 27.97 -18.12 26.33
C GLN B 6 26.65 -18.18 25.58
N GLY B 7 26.59 -17.50 24.44
CA GLY B 7 25.35 -17.34 23.70
C GLY B 7 24.80 -18.62 23.09
N GLY B 8 25.66 -19.34 22.37
CA GLY B 8 25.22 -20.51 21.63
C GLY B 8 25.39 -20.31 20.14
N SER B 9 24.66 -21.10 19.35
CA SER B 9 24.80 -21.06 17.90
C SER B 9 23.85 -20.05 17.25
N VAL B 10 24.43 -19.10 16.52
CA VAL B 10 23.66 -18.09 15.81
C VAL B 10 24.17 -17.93 14.39
N VAL B 11 23.25 -17.88 13.43
CA VAL B 11 23.60 -17.62 12.05
C VAL B 11 23.60 -16.12 11.79
N GLU B 12 24.74 -15.58 11.41
CA GLU B 12 24.86 -14.16 11.12
C GLU B 12 24.98 -13.93 9.62
N MET B 13 24.30 -12.90 9.13
CA MET B 13 24.37 -12.56 7.71
C MET B 13 24.75 -11.10 7.53
N GLN B 14 25.94 -10.89 6.99
CA GLN B 14 26.44 -9.56 6.72
C GLN B 14 25.78 -8.99 5.48
N GLY B 15 25.69 -7.66 5.41
CA GLY B 15 24.97 -7.02 4.31
C GLY B 15 25.76 -5.97 3.57
N ASP B 16 25.09 -4.88 3.21
CA ASP B 16 25.67 -3.90 2.29
C ASP B 16 25.61 -2.46 2.75
N GLU B 17 26.46 -1.65 2.14
CA GLU B 17 26.46 -0.19 2.25
C GLU B 17 26.37 0.29 3.70
N MET B 18 25.53 1.29 3.99
CA MET B 18 25.47 1.88 5.34
C MET B 18 25.25 0.86 6.44
N THR B 19 24.33 -0.08 6.22
CA THR B 19 24.00 -1.08 7.23
C THR B 19 25.16 -2.04 7.49
N ARG B 20 26.02 -2.25 6.49
CA ARG B 20 27.19 -3.10 6.69
C ARG B 20 28.13 -2.48 7.72
N ILE B 21 28.38 -1.19 7.58
CA ILE B 21 29.20 -0.42 8.52
C ILE B 21 28.65 -0.53 9.94
N ILE B 22 27.39 -0.15 10.10
CA ILE B 22 26.69 -0.21 11.38
C ILE B 22 26.75 -1.61 11.98
N TRP B 23 26.55 -2.62 11.13
CA TRP B 23 26.53 -4.03 11.55
C TRP B 23 27.81 -4.43 12.28
N GLU B 24 28.95 -3.96 11.78
CA GLU B 24 30.23 -4.28 12.41
C GLU B 24 30.39 -3.48 13.70
N LEU B 25 29.99 -2.22 13.67
CA LEU B 25 30.02 -1.38 14.86
C LEU B 25 29.23 -2.02 15.99
N ILE B 26 28.08 -2.57 15.65
CA ILE B 26 27.22 -3.24 16.61
C ILE B 26 27.92 -4.45 17.23
N LYS B 27 28.45 -5.33 16.38
CA LYS B 27 29.14 -6.52 16.85
C LYS B 27 30.35 -6.16 17.71
N GLU B 28 31.08 -5.14 17.29
CA GLU B 28 32.31 -4.73 17.95
C GLU B 28 32.07 -4.10 19.31
N LYS B 29 30.96 -3.39 19.46
CA LYS B 29 30.71 -2.64 20.68
C LYS B 29 29.67 -3.28 21.59
N LEU B 30 28.60 -3.79 21.00
CA LEU B 30 27.43 -4.14 21.80
C LEU B 30 27.28 -5.64 22.05
N ILE B 31 27.91 -6.47 21.22
CA ILE B 31 27.69 -7.91 21.34
C ILE B 31 28.89 -8.68 21.88
N LEU B 32 29.86 -8.93 21.02
CA LEU B 32 31.01 -9.79 21.34
C LEU B 32 31.82 -9.37 22.58
N PRO B 33 31.90 -8.06 22.89
CA PRO B 33 32.50 -7.69 24.18
C PRO B 33 31.79 -8.26 25.40
N TYR B 34 30.61 -8.86 25.22
CA TYR B 34 29.84 -9.36 26.35
C TYR B 34 29.35 -10.78 26.12
N VAL B 35 29.28 -11.19 24.85
CA VAL B 35 28.73 -12.51 24.52
C VAL B 35 29.66 -13.32 23.63
N GLU B 36 29.96 -14.54 24.05
CA GLU B 36 30.70 -15.49 23.23
C GLU B 36 29.73 -16.34 22.42
N LEU B 37 29.90 -16.33 21.10
CA LEU B 37 28.95 -16.98 20.22
C LEU B 37 29.60 -18.01 19.30
N ASP B 38 28.93 -19.16 19.16
CA ASP B 38 29.20 -20.08 18.06
C ASP B 38 28.60 -19.43 16.82
N LEU B 39 29.36 -18.51 16.22
CA LEU B 39 28.85 -17.62 15.20
C LEU B 39 29.07 -18.13 13.78
N HIS B 40 28.01 -18.63 13.16
CA HIS B 40 28.07 -19.07 11.77
C HIS B 40 27.82 -17.89 10.84
N SER B 41 28.89 -17.29 10.34
CA SER B 41 28.80 -16.07 9.57
C SER B 41 28.73 -16.34 8.07
N TYR B 42 27.78 -15.69 7.41
CA TYR B 42 27.69 -15.72 5.96
C TYR B 42 27.70 -14.29 5.42
N ASP B 43 28.61 -14.01 4.50
CA ASP B 43 28.69 -12.69 3.91
C ASP B 43 27.69 -12.57 2.76
N LEU B 44 26.53 -11.99 3.03
CA LEU B 44 25.52 -11.77 2.01
C LEU B 44 25.69 -10.39 1.38
N GLY B 45 26.88 -9.83 1.51
CA GLY B 45 27.23 -8.63 0.76
C GLY B 45 27.08 -8.91 -0.73
N ILE B 46 26.84 -7.86 -1.51
CA ILE B 46 26.60 -8.01 -2.94
C ILE B 46 27.83 -8.61 -3.64
N GLU B 47 29.02 -8.19 -3.21
CA GLU B 47 30.26 -8.69 -3.81
C GLU B 47 30.39 -10.20 -3.63
N ASN B 48 30.12 -10.70 -2.43
CA ASN B 48 30.26 -12.13 -2.17
C ASN B 48 29.14 -12.97 -2.78
N ARG B 49 27.93 -12.42 -2.81
CA ARG B 49 26.81 -13.13 -3.43
C ARG B 49 27.13 -13.37 -4.91
N ASP B 50 27.62 -12.33 -5.57
CA ASP B 50 28.05 -12.44 -6.96
C ASP B 50 29.16 -13.48 -7.11
N ALA B 51 30.15 -13.39 -6.24
CA ALA B 51 31.30 -14.29 -6.26
C ALA B 51 30.89 -15.76 -6.14
N THR B 52 29.88 -16.02 -5.34
CA THR B 52 29.46 -17.39 -5.10
C THR B 52 28.26 -17.79 -5.94
N ASN B 53 27.93 -16.96 -6.93
CA ASN B 53 26.71 -17.15 -7.73
C ASN B 53 25.46 -17.29 -6.86
N ASP B 54 25.41 -16.47 -5.80
CA ASP B 54 24.30 -16.42 -4.84
C ASP B 54 24.12 -17.72 -4.04
N GLN B 55 25.11 -18.62 -4.11
CA GLN B 55 25.04 -19.85 -3.34
C GLN B 55 25.16 -19.56 -1.83
N VAL B 56 25.88 -18.50 -1.49
CA VAL B 56 26.07 -18.13 -0.08
C VAL B 56 24.72 -17.83 0.58
N THR B 57 23.79 -17.31 -0.21
CA THR B 57 22.46 -16.97 0.28
C THR B 57 21.66 -18.21 0.63
N LYS B 58 21.76 -19.23 -0.23
CA LYS B 58 21.06 -20.49 0.01
C LYS B 58 21.69 -21.25 1.16
N ASP B 59 23.02 -21.17 1.27
CA ASP B 59 23.74 -21.79 2.38
C ASP B 59 23.33 -21.16 3.70
N ALA B 60 23.15 -19.84 3.68
CA ALA B 60 22.73 -19.11 4.87
C ALA B 60 21.34 -19.56 5.32
N ALA B 61 20.44 -19.74 4.36
CA ALA B 61 19.09 -20.20 4.64
C ALA B 61 19.09 -21.57 5.29
N GLU B 62 19.86 -22.50 4.74
CA GLU B 62 19.95 -23.84 5.30
C GLU B 62 20.55 -23.82 6.70
N ALA B 63 21.50 -22.92 6.92
CA ALA B 63 22.10 -22.74 8.23
C ALA B 63 21.05 -22.35 9.27
N ILE B 64 20.21 -21.38 8.93
CA ILE B 64 19.15 -20.93 9.83
C ILE B 64 18.26 -22.10 10.22
N LYS B 65 17.95 -22.95 9.26
CA LYS B 65 17.10 -24.11 9.52
C LYS B 65 17.76 -25.05 10.52
N LYS B 66 19.09 -25.11 10.45
CA LYS B 66 19.85 -26.01 11.32
C LYS B 66 19.96 -25.48 12.74
N TYR B 67 20.31 -24.20 12.88
CA TYR B 67 20.60 -23.61 14.19
C TYR B 67 19.44 -22.81 14.78
N ASN B 68 18.43 -22.55 13.94
CA ASN B 68 17.14 -21.95 14.34
C ASN B 68 17.19 -20.47 14.70
N VAL B 69 18.36 -19.85 14.64
CA VAL B 69 18.45 -18.42 14.91
C VAL B 69 19.31 -17.73 13.88
N GLY B 70 18.70 -16.79 13.15
CA GLY B 70 19.41 -16.00 12.18
C GLY B 70 19.26 -14.52 12.47
N VAL B 71 20.33 -13.77 12.27
CA VAL B 71 20.27 -12.31 12.38
C VAL B 71 20.85 -11.74 11.08
N LYS B 72 20.03 -10.96 10.37
CA LYS B 72 20.44 -10.50 9.05
C LYS B 72 20.54 -9.00 8.92
N CYS B 73 21.64 -8.57 8.30
CA CYS B 73 21.86 -7.18 7.95
C CYS B 73 21.19 -6.87 6.62
N ALA B 74 20.84 -5.61 6.38
CA ALA B 74 20.18 -5.23 5.15
C ALA B 74 21.06 -5.49 3.93
N THR B 75 20.43 -5.90 2.82
CA THR B 75 21.17 -6.26 1.61
C THR B 75 20.68 -5.54 0.36
N ILE B 76 21.57 -5.38 -0.61
CA ILE B 76 21.20 -4.81 -1.90
C ILE B 76 20.48 -5.86 -2.74
N THR B 77 19.33 -5.48 -3.29
CA THR B 77 18.67 -6.31 -4.30
C THR B 77 18.92 -5.64 -5.64
N PRO B 78 19.70 -6.31 -6.49
CA PRO B 78 20.18 -5.67 -7.72
C PRO B 78 19.13 -5.54 -8.81
N ASP B 79 19.12 -4.37 -9.45
CA ASP B 79 18.46 -4.17 -10.73
C ASP B 79 19.55 -3.84 -11.74
N GLU B 80 19.17 -3.30 -12.89
CA GLU B 80 20.14 -3.00 -13.94
C GLU B 80 21.23 -2.04 -13.45
N LYS B 81 20.86 -1.03 -12.68
CA LYS B 81 21.82 -0.04 -12.20
C LYS B 81 22.83 -0.66 -11.25
N ARG B 82 22.36 -1.57 -10.39
CA ARG B 82 23.26 -2.30 -9.50
C ARG B 82 24.19 -3.23 -10.28
N VAL B 83 23.66 -3.82 -11.35
CA VAL B 83 24.46 -4.67 -12.22
C VAL B 83 25.64 -3.91 -12.79
N GLU B 84 25.39 -2.70 -13.27
CA GLU B 84 26.45 -1.85 -13.81
C GLU B 84 27.41 -1.38 -12.71
N GLU B 85 26.83 -0.95 -11.59
CA GLU B 85 27.62 -0.41 -10.48
C GLU B 85 28.65 -1.40 -9.98
N PHE B 86 28.25 -2.66 -9.86
CA PHE B 86 29.13 -3.67 -9.30
C PHE B 86 29.65 -4.65 -10.34
N LYS B 87 29.31 -4.42 -11.62
CA LYS B 87 29.65 -5.31 -12.71
C LYS B 87 29.26 -6.76 -12.36
N LEU B 88 27.99 -6.95 -12.06
CA LEU B 88 27.50 -8.26 -11.61
C LEU B 88 27.34 -9.24 -12.77
N LYS B 89 27.41 -10.54 -12.46
CA LYS B 89 27.22 -11.59 -13.46
C LYS B 89 25.76 -11.68 -13.90
N GLN B 90 24.86 -11.56 -12.92
CA GLN B 90 23.43 -11.61 -13.17
C GLN B 90 22.67 -10.66 -12.24
N MET B 91 21.42 -10.39 -12.58
CA MET B 91 20.53 -9.63 -11.72
C MET B 91 19.98 -10.55 -10.65
N TRP B 92 20.76 -10.74 -9.59
CA TRP B 92 20.42 -11.70 -8.54
C TRP B 92 19.09 -11.37 -7.87
N LYS B 93 18.36 -12.42 -7.49
CA LYS B 93 17.12 -12.27 -6.75
C LYS B 93 17.40 -11.78 -5.33
N SER B 94 16.39 -11.17 -4.73
CA SER B 94 16.47 -10.73 -3.34
C SER B 94 16.86 -11.86 -2.41
N PRO B 95 17.96 -11.67 -1.66
CA PRO B 95 18.35 -12.68 -0.66
C PRO B 95 17.26 -12.90 0.38
N ASN B 96 16.55 -11.85 0.73
CA ASN B 96 15.41 -11.96 1.64
C ASN B 96 14.32 -12.86 1.05
N GLY B 97 13.96 -12.60 -0.20
CA GLY B 97 13.01 -13.43 -0.90
C GLY B 97 13.46 -14.88 -0.94
N THR B 98 14.74 -15.10 -1.16
CA THR B 98 15.28 -16.45 -1.22
C THR B 98 15.20 -17.14 0.13
N ILE B 99 15.63 -16.43 1.17
CA ILE B 99 15.60 -16.98 2.52
C ILE B 99 14.19 -17.26 3.00
N ARG B 100 13.30 -16.29 2.80
CA ARG B 100 11.90 -16.44 3.21
C ARG B 100 11.20 -17.55 2.44
N ASN B 101 11.55 -17.73 1.17
CA ASN B 101 10.96 -18.79 0.37
C ASN B 101 11.33 -20.18 0.91
N ILE B 102 12.54 -20.29 1.45
CA ILE B 102 13.02 -21.57 1.97
C ILE B 102 12.48 -21.84 3.38
N LEU B 103 12.46 -20.80 4.21
CA LEU B 103 12.06 -20.95 5.60
C LEU B 103 10.55 -20.89 5.79
N GLY B 104 9.89 -20.04 5.00
CA GLY B 104 8.47 -19.80 5.14
C GLY B 104 8.19 -19.06 6.44
N GLY B 105 6.92 -18.84 6.73
CA GLY B 105 6.53 -18.20 7.98
C GLY B 105 5.88 -16.84 7.83
N THR B 106 5.83 -16.11 8.94
CA THR B 106 5.24 -14.78 8.97
C THR B 106 6.26 -13.80 9.52
N VAL B 107 6.43 -12.66 8.83
CA VAL B 107 7.33 -11.62 9.30
C VAL B 107 6.55 -10.62 10.15
N PHE B 108 6.77 -10.64 11.46
CA PHE B 108 6.07 -9.71 12.35
C PHE B 108 6.86 -8.42 12.53
N ARG B 109 6.21 -7.29 12.23
CA ARG B 109 6.86 -6.00 12.29
C ARG B 109 6.12 -5.04 13.21
N GLU B 110 6.89 -4.21 13.91
CA GLU B 110 6.35 -3.34 14.93
C GLU B 110 7.29 -2.18 15.22
N ALA B 111 6.73 -1.02 15.48
CA ALA B 111 7.54 0.15 15.80
C ALA B 111 8.28 -0.03 17.12
N ILE B 112 9.40 0.67 17.25
CA ILE B 112 10.12 0.77 18.51
C ILE B 112 9.84 2.15 19.09
N ILE B 113 9.16 2.20 20.22
CA ILE B 113 8.60 3.44 20.75
C ILE B 113 9.44 4.07 21.86
N CYS B 114 9.75 5.36 21.70
CA CYS B 114 10.36 6.16 22.75
C CYS B 114 9.39 7.29 23.13
N LYS B 115 9.28 7.54 24.43
CA LYS B 115 8.27 8.47 24.94
C LYS B 115 8.45 9.91 24.48
N ASN B 116 9.67 10.27 24.09
CA ASN B 116 9.97 11.65 23.73
C ASN B 116 9.90 11.91 22.23
N ILE B 117 9.56 10.88 21.46
CA ILE B 117 9.53 10.99 20.01
C ILE B 117 8.10 11.15 19.48
N PRO B 118 7.79 12.33 18.93
CA PRO B 118 6.48 12.58 18.33
C PRO B 118 6.26 11.75 17.07
N ARG B 119 5.04 11.26 16.88
CA ARG B 119 4.67 10.55 15.67
C ARG B 119 4.27 11.53 14.59
N LEU B 120 4.22 11.06 13.35
CA LEU B 120 3.62 11.82 12.27
C LEU B 120 2.11 11.62 12.26
N VAL B 121 1.67 10.49 12.80
CA VAL B 121 0.25 10.16 12.88
C VAL B 121 -0.24 10.35 14.31
N THR B 122 -1.15 11.31 14.49
CA THR B 122 -1.53 11.80 15.81
C THR B 122 -2.16 10.76 16.73
N GLY B 123 -2.91 9.82 16.16
CA GLY B 123 -3.76 8.95 16.96
C GLY B 123 -3.16 7.66 17.48
N TRP B 124 -1.97 7.29 17.00
CA TRP B 124 -1.40 5.98 17.33
C TRP B 124 -0.75 5.91 18.73
N VAL B 125 -1.57 5.95 19.76
CA VAL B 125 -1.08 5.86 21.14
C VAL B 125 -0.78 4.42 21.55
N LYS B 126 -1.23 3.47 20.73
CA LYS B 126 -0.97 2.05 20.94
C LYS B 126 -0.23 1.48 19.73
N PRO B 127 0.42 0.32 19.88
CA PRO B 127 1.23 -0.17 18.77
C PRO B 127 0.42 -0.93 17.73
N ILE B 128 0.90 -0.88 16.51
CA ILE B 128 0.34 -1.67 15.43
C ILE B 128 1.34 -2.75 15.06
N ILE B 129 0.91 -4.00 15.12
CA ILE B 129 1.77 -5.11 14.76
C ILE B 129 1.31 -5.72 13.45
N ILE B 130 2.18 -5.64 12.45
CA ILE B 130 1.89 -6.26 11.15
C ILE B 130 2.47 -7.66 11.09
N GLY B 131 1.61 -8.63 10.76
CA GLY B 131 2.06 -9.96 10.44
C GLY B 131 2.11 -10.10 8.92
N ARG B 132 3.32 -10.06 8.37
CA ARG B 132 3.49 -10.13 6.93
C ARG B 132 3.74 -11.56 6.49
N HIS B 133 2.80 -12.12 5.71
CA HIS B 133 2.99 -13.45 5.10
C HIS B 133 4.30 -13.41 4.30
N ALA B 134 5.23 -14.28 4.63
CA ALA B 134 6.59 -14.19 4.08
C ALA B 134 6.80 -14.98 2.80
N TYR B 135 5.74 -15.64 2.33
CA TYR B 135 5.88 -16.56 1.20
C TYR B 135 5.04 -16.15 0.00
N GLY B 136 5.61 -16.28 -1.19
CA GLY B 136 4.84 -16.22 -2.43
C GLY B 136 4.46 -14.85 -2.95
N ASP B 137 3.41 -14.82 -3.76
CA ASP B 137 2.96 -13.61 -4.45
C ASP B 137 4.09 -12.97 -5.23
N GLN B 138 4.19 -11.64 -5.19
CA GLN B 138 5.16 -10.91 -6.00
C GLN B 138 6.62 -11.30 -5.72
N TYR B 139 6.87 -11.93 -4.57
CA TYR B 139 8.24 -12.19 -4.11
C TYR B 139 8.76 -13.56 -4.53
N ARG B 140 7.94 -14.32 -5.24
CA ARG B 140 8.41 -15.55 -5.87
C ARG B 140 7.70 -15.69 -7.22
N ALA B 141 7.59 -14.58 -7.94
CA ALA B 141 6.83 -14.54 -9.17
C ALA B 141 7.70 -14.76 -10.38
N THR B 142 7.07 -14.99 -11.51
CA THR B 142 7.77 -15.11 -12.78
C THR B 142 7.30 -14.03 -13.71
N ASP B 143 8.13 -13.02 -13.94
CA ASP B 143 7.73 -11.90 -14.80
C ASP B 143 8.63 -11.79 -16.02
N PHE B 144 8.11 -11.19 -17.07
CA PHE B 144 8.87 -11.01 -18.30
C PHE B 144 8.31 -9.87 -19.13
N VAL B 145 9.15 -9.33 -20.01
CA VAL B 145 8.70 -8.36 -21.00
C VAL B 145 8.02 -9.10 -22.15
N VAL B 146 6.88 -8.58 -22.59
CA VAL B 146 6.22 -9.10 -23.78
C VAL B 146 6.76 -8.29 -24.95
N PRO B 147 7.59 -8.93 -25.81
CA PRO B 147 8.35 -8.23 -26.85
C PRO B 147 7.50 -7.64 -27.97
N GLY B 148 6.29 -8.15 -28.14
CA GLY B 148 5.42 -7.66 -29.20
C GLY B 148 4.12 -8.45 -29.23
N PRO B 149 3.31 -8.22 -30.27
CA PRO B 149 2.02 -8.89 -30.46
C PRO B 149 2.09 -10.40 -30.27
N GLY B 150 1.11 -10.94 -29.56
CA GLY B 150 1.07 -12.36 -29.25
C GLY B 150 0.16 -12.60 -28.07
N LYS B 151 0.05 -13.86 -27.65
CA LYS B 151 -0.84 -14.19 -26.54
C LYS B 151 -0.07 -14.72 -25.34
N VAL B 152 -0.46 -14.27 -24.16
CA VAL B 152 0.04 -14.81 -22.91
C VAL B 152 -1.05 -15.68 -22.30
N GLU B 153 -0.70 -16.93 -22.01
CA GLU B 153 -1.64 -17.86 -21.41
C GLU B 153 -1.04 -18.46 -20.17
N ILE B 154 -1.89 -18.86 -19.24
CA ILE B 154 -1.44 -19.52 -18.03
C ILE B 154 -2.08 -20.90 -17.97
N THR B 155 -1.30 -21.91 -17.65
CA THR B 155 -1.79 -23.29 -17.70
C THR B 155 -1.55 -24.06 -16.42
N TYR B 156 -2.48 -24.94 -16.10
CA TYR B 156 -2.34 -25.85 -14.97
C TYR B 156 -2.33 -27.29 -15.49
N THR B 157 -1.28 -28.02 -15.16
CA THR B 157 -1.14 -29.41 -15.58
C THR B 157 -1.15 -30.31 -14.35
N PRO B 158 -2.29 -30.98 -14.10
CA PRO B 158 -2.44 -31.82 -12.90
C PRO B 158 -1.35 -32.88 -12.84
N LYS B 159 -0.86 -33.14 -11.64
CA LYS B 159 0.20 -34.13 -11.45
C LYS B 159 -0.26 -35.53 -11.82
N ASP B 160 -1.56 -35.79 -11.65
CA ASP B 160 -2.10 -37.13 -11.81
C ASP B 160 -2.45 -37.47 -13.27
N GLY B 161 -2.04 -36.60 -14.20
CA GLY B 161 -2.21 -36.87 -15.61
C GLY B 161 -3.58 -36.52 -16.19
N THR B 162 -4.49 -36.01 -15.37
CA THR B 162 -5.80 -35.62 -15.88
C THR B 162 -5.72 -34.34 -16.70
N GLN B 163 -6.86 -33.93 -17.25
CA GLN B 163 -6.94 -32.86 -18.25
C GLN B 163 -6.22 -31.55 -17.86
N LYS B 164 -5.31 -31.13 -18.73
CA LYS B 164 -4.66 -29.83 -18.60
C LYS B 164 -5.65 -28.70 -18.79
N VAL B 165 -5.48 -27.60 -18.04
CA VAL B 165 -6.36 -26.45 -18.14
C VAL B 165 -5.59 -25.19 -18.55
N THR B 166 -6.12 -24.46 -19.53
CA THR B 166 -5.45 -23.27 -20.05
C THR B 166 -6.34 -22.03 -19.96
N TYR B 167 -5.82 -20.97 -19.37
CA TYR B 167 -6.53 -19.70 -19.28
C TYR B 167 -5.84 -18.62 -20.11
N MET B 168 -6.62 -17.80 -20.80
CA MET B 168 -6.05 -16.64 -21.50
C MET B 168 -5.71 -15.58 -20.46
N VAL B 169 -4.49 -15.08 -20.49
CA VAL B 169 -4.14 -13.93 -19.64
C VAL B 169 -4.40 -12.65 -20.44
N HIS B 170 -3.77 -12.57 -21.61
CA HIS B 170 -4.00 -11.45 -22.51
C HIS B 170 -3.55 -11.78 -23.93
N ASP B 171 -4.34 -11.35 -24.89
CA ASP B 171 -3.95 -11.35 -26.29
C ASP B 171 -3.45 -9.94 -26.61
N PHE B 172 -2.15 -9.81 -26.79
CA PHE B 172 -1.56 -8.53 -27.19
C PHE B 172 -1.72 -8.35 -28.69
N GLU B 173 -2.62 -7.45 -29.10
CA GLU B 173 -2.90 -7.30 -30.52
C GLU B 173 -2.00 -6.25 -31.15
N GLU B 174 -1.55 -5.29 -30.35
CA GLU B 174 -0.70 -4.23 -30.84
C GLU B 174 0.43 -3.96 -29.85
N GLY B 175 1.67 -4.05 -30.31
CA GLY B 175 2.81 -3.76 -29.46
C GLY B 175 2.96 -4.79 -28.35
N GLY B 176 3.87 -4.50 -27.42
CA GLY B 176 4.18 -5.43 -26.36
C GLY B 176 3.80 -4.90 -25.00
N GLY B 177 4.46 -5.42 -23.97
CA GLY B 177 4.19 -4.99 -22.62
C GLY B 177 4.92 -5.84 -21.62
N VAL B 178 4.20 -6.24 -20.58
CA VAL B 178 4.76 -7.07 -19.53
C VAL B 178 3.72 -8.06 -19.06
N ALA B 179 4.19 -9.16 -18.51
CA ALA B 179 3.28 -10.13 -17.94
C ALA B 179 4.00 -10.86 -16.83
N MET B 180 3.22 -11.44 -15.92
CA MET B 180 3.80 -12.23 -14.85
C MET B 180 2.82 -13.23 -14.30
N GLY B 181 3.36 -14.32 -13.77
CA GLY B 181 2.58 -15.27 -13.02
C GLY B 181 3.06 -15.26 -11.57
N MET B 182 2.14 -15.42 -10.64
CA MET B 182 2.51 -15.62 -9.23
C MET B 182 1.53 -16.57 -8.57
N TYR B 183 1.86 -17.01 -7.36
CA TYR B 183 1.10 -18.09 -6.72
C TYR B 183 1.23 -18.04 -5.21
N ASN B 184 0.42 -18.86 -4.55
CA ASN B 184 0.66 -19.15 -3.15
C ASN B 184 0.16 -20.56 -2.82
N GLN B 185 0.59 -21.08 -1.67
CA GLN B 185 0.27 -22.47 -1.27
C GLN B 185 -0.64 -22.52 -0.06
N ASP B 186 -1.62 -23.42 -0.10
CA ASP B 186 -2.59 -23.59 0.98
C ASP B 186 -1.95 -23.74 2.36
N LYS B 187 -0.96 -24.63 2.46
CA LYS B 187 -0.28 -24.86 3.74
C LYS B 187 0.36 -23.59 4.26
N SER B 188 0.99 -22.83 3.37
CA SER B 188 1.63 -21.57 3.76
C SER B 188 0.59 -20.56 4.24
N ILE B 189 -0.55 -20.51 3.56
CA ILE B 189 -1.61 -19.59 3.93
C ILE B 189 -2.21 -20.01 5.26
N GLU B 190 -2.31 -21.31 5.47
CA GLU B 190 -2.80 -21.86 6.74
C GLU B 190 -1.86 -21.52 7.88
N ASP B 191 -0.57 -21.72 7.68
CA ASP B 191 0.42 -21.33 8.69
C ASP B 191 0.35 -19.84 8.95
N PHE B 192 0.17 -19.09 7.87
CA PHE B 192 -0.02 -17.64 7.95
C PHE B 192 -1.19 -17.33 8.86
N ALA B 193 -2.32 -18.02 8.64
CA ALA B 193 -3.51 -17.81 9.46
C ALA B 193 -3.22 -18.13 10.94
N HIS B 194 -2.71 -19.33 11.19
CA HIS B 194 -2.42 -19.76 12.56
C HIS B 194 -1.52 -18.76 13.30
N SER B 195 -0.44 -18.33 12.65
CA SER B 195 0.50 -17.42 13.29
C SER B 195 -0.17 -16.08 13.64
N SER B 196 -1.14 -15.68 12.81
CA SER B 196 -1.82 -14.40 12.99
C SER B 196 -2.80 -14.43 14.17
N PHE B 197 -3.64 -15.46 14.21
CA PHE B 197 -4.58 -15.61 15.33
C PHE B 197 -3.83 -15.77 16.66
N GLN B 198 -2.75 -16.56 16.65
CA GLN B 198 -1.96 -16.79 17.86
C GLN B 198 -1.32 -15.52 18.38
N MET B 199 -0.85 -14.68 17.46
CA MET B 199 -0.24 -13.40 17.84
C MET B 199 -1.28 -12.48 18.48
N ALA B 200 -2.47 -12.43 17.88
CA ALA B 200 -3.58 -11.68 18.42
C ALA B 200 -3.91 -12.14 19.84
N LEU B 201 -3.95 -13.45 20.03
CA LEU B 201 -4.29 -14.03 21.32
C LEU B 201 -3.20 -13.75 22.36
N SER B 202 -1.94 -13.84 21.95
CA SER B 202 -0.82 -13.62 22.85
C SER B 202 -0.71 -12.14 23.25
N LYS B 203 -1.12 -11.25 22.36
CA LYS B 203 -1.06 -9.82 22.65
C LYS B 203 -2.36 -9.33 23.28
N GLY B 204 -3.44 -10.07 23.07
CA GLY B 204 -4.74 -9.67 23.56
C GLY B 204 -5.39 -8.56 22.75
N TRP B 205 -5.10 -8.55 21.45
CA TRP B 205 -5.61 -7.51 20.55
C TRP B 205 -6.43 -8.11 19.42
N PRO B 206 -7.37 -7.34 18.87
CA PRO B 206 -8.14 -7.80 17.71
C PRO B 206 -7.24 -8.02 16.50
N LEU B 207 -7.72 -8.84 15.56
CA LEU B 207 -6.96 -9.17 14.37
C LEU B 207 -7.70 -8.75 13.11
N TYR B 208 -6.98 -8.14 12.18
CA TYR B 208 -7.53 -7.78 10.88
C TYR B 208 -6.71 -8.40 9.77
N LEU B 209 -7.40 -9.02 8.82
CA LEU B 209 -6.77 -9.46 7.58
C LEU B 209 -7.25 -8.57 6.45
N SER B 210 -6.32 -8.11 5.64
CA SER B 210 -6.66 -7.32 4.46
C SER B 210 -6.39 -8.11 3.18
N THR B 211 -7.32 -8.06 2.24
CA THR B 211 -7.10 -8.59 0.90
C THR B 211 -7.79 -7.68 -0.11
N LYS B 212 -7.68 -8.02 -1.39
CA LYS B 212 -8.48 -7.39 -2.41
C LYS B 212 -9.36 -8.44 -3.08
N ASN B 213 -10.07 -9.22 -2.26
CA ASN B 213 -10.83 -10.37 -2.75
C ASN B 213 -12.02 -10.02 -3.64
N THR B 214 -12.43 -8.75 -3.64
CA THR B 214 -13.49 -8.34 -4.57
C THR B 214 -12.94 -8.32 -5.98
N ILE B 215 -11.62 -8.13 -6.08
CA ILE B 215 -10.95 -8.05 -7.38
C ILE B 215 -10.28 -9.37 -7.75
N LEU B 216 -9.46 -9.89 -6.85
CA LEU B 216 -8.88 -11.21 -7.06
C LEU B 216 -9.76 -12.22 -6.35
N LYS B 217 -10.88 -12.56 -6.97
CA LYS B 217 -11.94 -13.31 -6.31
C LYS B 217 -11.49 -14.71 -5.90
N LYS B 218 -10.67 -15.33 -6.72
CA LYS B 218 -10.20 -16.69 -6.44
C LYS B 218 -8.95 -16.68 -5.57
N TYR B 219 -7.98 -15.87 -5.97
CA TYR B 219 -6.67 -15.80 -5.30
C TYR B 219 -6.81 -15.26 -3.89
N ASP B 220 -7.33 -14.05 -3.76
CA ASP B 220 -7.44 -13.43 -2.45
C ASP B 220 -8.59 -14.06 -1.67
N GLY B 221 -9.60 -14.53 -2.39
CA GLY B 221 -10.72 -15.20 -1.75
C GLY B 221 -10.25 -16.42 -0.98
N ARG B 222 -9.21 -17.07 -1.49
CA ARG B 222 -8.63 -18.23 -0.81
C ARG B 222 -8.06 -17.84 0.56
N PHE B 223 -7.29 -16.77 0.59
CA PHE B 223 -6.77 -16.22 1.85
C PHE B 223 -7.91 -15.95 2.82
N LYS B 224 -8.95 -15.26 2.32
CA LYS B 224 -10.10 -14.92 3.15
C LYS B 224 -10.81 -16.17 3.68
N ASP B 225 -11.01 -17.14 2.80
CA ASP B 225 -11.72 -18.37 3.17
C ASP B 225 -10.94 -19.21 4.17
N ILE B 226 -9.64 -19.35 3.95
CA ILE B 226 -8.79 -20.13 4.83
C ILE B 226 -8.71 -19.51 6.23
N PHE B 227 -8.60 -18.18 6.30
CA PHE B 227 -8.59 -17.48 7.59
C PHE B 227 -9.90 -17.68 8.34
N GLN B 228 -11.01 -17.57 7.63
CA GLN B 228 -12.32 -17.68 8.26
C GLN B 228 -12.57 -19.08 8.79
N GLU B 229 -12.19 -20.09 8.00
CA GLU B 229 -12.35 -21.48 8.39
C GLU B 229 -11.56 -21.83 9.64
N ILE B 230 -10.28 -21.43 9.63
CA ILE B 230 -9.40 -21.69 10.76
C ILE B 230 -9.88 -20.95 12.00
N TYR B 231 -10.42 -19.76 11.81
CA TYR B 231 -10.97 -18.98 12.92
C TYR B 231 -12.17 -19.68 13.53
N ASP B 232 -13.10 -20.10 12.68
CA ASP B 232 -14.35 -20.71 13.11
C ASP B 232 -14.16 -22.07 13.75
N LYS B 233 -12.92 -22.55 13.81
CA LYS B 233 -12.66 -23.93 14.23
C LYS B 233 -11.59 -24.09 15.32
N LYS B 234 -10.71 -23.10 15.46
CA LYS B 234 -9.65 -23.23 16.46
C LYS B 234 -9.49 -22.01 17.36
N TYR B 235 -9.91 -20.84 16.89
CA TYR B 235 -9.55 -19.62 17.61
C TYR B 235 -10.71 -18.71 18.01
N LYS B 236 -11.91 -18.95 17.48
CA LYS B 236 -13.01 -18.04 17.74
C LYS B 236 -13.41 -18.01 19.21
N SER B 237 -13.56 -19.20 19.80
CA SER B 237 -13.90 -19.32 21.21
C SER B 237 -12.90 -18.59 22.10
N GLN B 238 -11.61 -18.77 21.81
CA GLN B 238 -10.56 -18.10 22.55
C GLN B 238 -10.61 -16.59 22.38
N PHE B 239 -10.95 -16.16 21.16
CA PHE B 239 -11.06 -14.73 20.84
C PHE B 239 -12.16 -14.08 21.67
N GLU B 240 -13.34 -14.70 21.69
CA GLU B 240 -14.46 -14.19 22.47
C GLU B 240 -14.10 -14.15 23.96
N ALA B 241 -13.38 -15.18 24.42
CA ALA B 241 -12.99 -15.29 25.81
C ALA B 241 -12.06 -14.15 26.24
N GLN B 242 -11.29 -13.62 25.29
CA GLN B 242 -10.42 -12.49 25.59
C GLN B 242 -11.07 -11.18 25.15
N LYS B 243 -12.31 -11.29 24.74
CA LYS B 243 -13.06 -10.16 24.29
C LYS B 243 -12.41 -9.41 23.14
N ILE B 244 -11.79 -10.16 22.25
CA ILE B 244 -11.24 -9.60 21.02
C ILE B 244 -11.97 -10.22 19.83
N CYS B 245 -11.59 -9.79 18.63
CA CYS B 245 -12.32 -10.23 17.45
C CYS B 245 -11.43 -10.32 16.22
N TYR B 246 -11.91 -11.03 15.22
CA TYR B 246 -11.24 -11.10 13.92
C TYR B 246 -12.17 -10.57 12.85
N GLU B 247 -11.60 -9.83 11.90
CA GLU B 247 -12.38 -9.28 10.81
C GLU B 247 -11.54 -9.17 9.54
N HIS B 248 -12.12 -9.55 8.41
CA HIS B 248 -11.50 -9.32 7.13
C HIS B 248 -11.95 -7.98 6.58
N ARG B 249 -11.02 -7.21 6.02
CA ARG B 249 -11.37 -5.96 5.36
C ARG B 249 -10.68 -5.88 4.02
N LEU B 250 -11.28 -5.15 3.09
CA LEU B 250 -10.60 -4.84 1.84
C LEU B 250 -9.41 -3.95 2.16
N ILE B 251 -8.31 -4.12 1.45
CA ILE B 251 -7.05 -3.47 1.78
C ILE B 251 -7.13 -1.92 1.85
N ASP B 252 -7.87 -1.30 0.94
CA ASP B 252 -7.91 0.15 0.95
C ASP B 252 -8.76 0.68 2.11
N ASP B 253 -9.83 -0.03 2.47
CA ASP B 253 -10.56 0.28 3.69
C ASP B 253 -9.60 0.13 4.88
N MET B 254 -8.86 -0.97 4.90
CA MET B 254 -7.99 -1.28 6.03
C MET B 254 -6.94 -0.20 6.26
N VAL B 255 -6.25 0.24 5.21
CA VAL B 255 -5.20 1.23 5.41
C VAL B 255 -5.76 2.53 5.98
N ALA B 256 -6.96 2.92 5.55
CA ALA B 256 -7.63 4.09 6.11
C ALA B 256 -8.00 3.89 7.58
N GLN B 257 -8.57 2.73 7.89
CA GLN B 257 -8.93 2.38 9.26
C GLN B 257 -7.70 2.43 10.14
N ALA B 258 -6.61 1.86 9.65
CA ALA B 258 -5.35 1.87 10.40
C ALA B 258 -4.86 3.30 10.65
N MET B 259 -4.86 4.13 9.61
CA MET B 259 -4.47 5.53 9.70
C MET B 259 -5.20 6.30 10.81
N LYS B 260 -6.50 6.03 10.97
CA LYS B 260 -7.32 6.80 11.91
C LYS B 260 -7.51 6.10 13.26
N SER B 261 -6.96 4.91 13.43
CA SER B 261 -7.14 4.17 14.67
C SER B 261 -6.23 4.67 15.79
N GLU B 262 -6.43 4.11 16.99
CA GLU B 262 -5.57 4.45 18.12
C GLU B 262 -4.43 3.45 18.23
N GLY B 263 -4.39 2.50 17.30
CA GLY B 263 -3.44 1.41 17.35
C GLY B 263 -4.00 0.29 18.20
N GLY B 264 -3.15 -0.65 18.59
CA GLY B 264 -3.56 -1.75 19.44
C GLY B 264 -4.25 -2.87 18.70
N PHE B 265 -3.71 -3.26 17.56
CA PHE B 265 -4.27 -4.39 16.82
C PHE B 265 -3.20 -5.16 16.05
N ILE B 266 -3.53 -6.39 15.67
CA ILE B 266 -2.67 -7.16 14.78
C ILE B 266 -3.20 -7.05 13.36
N TRP B 267 -2.30 -6.81 12.42
CA TRP B 267 -2.68 -6.59 11.04
C TRP B 267 -2.01 -7.65 10.17
N ALA B 268 -2.79 -8.66 9.79
CA ALA B 268 -2.28 -9.71 8.91
C ALA B 268 -2.28 -9.18 7.48
N CYS B 269 -1.08 -9.11 6.90
CA CYS B 269 -0.95 -8.62 5.53
C CYS B 269 -0.42 -9.69 4.60
N LYS B 270 -0.92 -9.70 3.37
CA LYS B 270 -0.29 -10.45 2.31
C LYS B 270 1.14 -9.93 2.15
N ASN B 271 2.02 -10.74 1.59
CA ASN B 271 3.44 -10.40 1.44
C ASN B 271 3.69 -8.96 1.02
N TYR B 272 3.07 -8.55 -0.09
CA TYR B 272 3.30 -7.22 -0.64
C TYR B 272 2.80 -6.09 0.26
N ASP B 273 1.55 -6.20 0.73
CA ASP B 273 0.98 -5.20 1.63
C ASP B 273 1.78 -5.08 2.93
N GLY B 274 2.30 -6.21 3.39
CA GLY B 274 3.10 -6.23 4.61
C GLY B 274 4.38 -5.46 4.41
N ASP B 275 4.96 -5.62 3.24
CA ASP B 275 6.17 -4.91 2.88
C ASP B 275 5.91 -3.40 2.88
N VAL B 276 4.97 -2.98 2.05
CA VAL B 276 4.65 -1.58 1.86
C VAL B 276 4.13 -0.91 3.13
N GLN B 277 3.17 -1.53 3.80
CA GLN B 277 2.51 -0.85 4.91
C GLN B 277 3.40 -0.84 6.16
N SER B 278 4.31 -1.80 6.28
CA SER B 278 5.22 -1.79 7.43
C SER B 278 6.11 -0.54 7.41
N ASP B 279 6.54 -0.13 6.22
CA ASP B 279 7.35 1.07 6.07
C ASP B 279 6.51 2.33 6.31
N SER B 280 5.28 2.29 5.83
CA SER B 280 4.33 3.39 6.05
C SER B 280 4.11 3.59 7.55
N VAL B 281 3.86 2.50 8.25
CA VAL B 281 3.60 2.54 9.69
C VAL B 281 4.85 2.93 10.47
N ALA B 282 6.00 2.34 10.12
CA ALA B 282 7.25 2.67 10.80
C ALA B 282 7.52 4.17 10.71
N GLN B 283 7.34 4.74 9.53
CA GLN B 283 7.55 6.15 9.35
C GLN B 283 6.50 6.96 10.12
N GLY B 284 5.29 6.42 10.20
CA GLY B 284 4.21 7.08 10.90
C GLY B 284 4.51 7.28 12.38
N TYR B 285 5.13 6.28 12.99
CA TYR B 285 5.51 6.35 14.40
C TYR B 285 6.78 7.17 14.62
N GLY B 286 7.54 7.40 13.55
CA GLY B 286 8.72 8.26 13.65
C GLY B 286 9.85 8.00 12.67
N SER B 287 10.23 6.73 12.48
CA SER B 287 11.39 6.43 11.65
C SER B 287 11.49 4.98 11.22
N LEU B 288 11.94 4.77 9.99
CA LEU B 288 12.24 3.43 9.50
C LEU B 288 13.31 2.77 10.39
N GLY B 289 14.16 3.58 10.99
CA GLY B 289 15.19 3.07 11.88
C GLY B 289 14.65 2.50 13.18
N MET B 290 13.36 2.74 13.43
CA MET B 290 12.75 2.34 14.70
C MET B 290 11.62 1.33 14.50
N MET B 291 11.97 0.14 14.06
CA MET B 291 11.00 -0.93 13.87
C MET B 291 11.69 -2.28 13.96
N THR B 292 11.04 -3.23 14.62
CA THR B 292 11.53 -4.61 14.64
C THR B 292 10.91 -5.42 13.51
N SER B 293 11.62 -6.47 13.09
CA SER B 293 11.15 -7.34 12.04
C SER B 293 11.66 -8.76 12.30
N VAL B 294 10.75 -9.66 12.59
CA VAL B 294 11.13 -11.02 12.95
C VAL B 294 10.32 -12.03 12.16
N LEU B 295 11.01 -12.83 11.35
CA LEU B 295 10.38 -13.96 10.68
C LEU B 295 10.20 -15.08 11.69
N ILE B 296 8.96 -15.47 11.90
CA ILE B 296 8.67 -16.61 12.75
C ILE B 296 8.22 -17.77 11.89
N CYS B 297 9.06 -18.82 11.84
CA CYS B 297 8.84 -19.96 10.95
C CYS B 297 7.73 -20.88 11.46
N PRO B 298 7.12 -21.66 10.54
CA PRO B 298 5.97 -22.52 10.88
C PRO B 298 6.29 -23.67 11.85
N ASP B 299 7.56 -24.00 12.06
CA ASP B 299 7.89 -25.08 12.97
C ASP B 299 7.73 -24.67 14.43
N GLY B 300 7.68 -23.37 14.67
CA GLY B 300 7.52 -22.84 16.01
C GLY B 300 8.84 -22.71 16.76
N LYS B 301 9.95 -23.01 16.08
CA LYS B 301 11.25 -22.98 16.73
C LYS B 301 12.28 -22.12 15.99
N THR B 302 12.13 -22.01 14.67
CA THR B 302 13.09 -21.25 13.87
C THR B 302 12.64 -19.80 13.71
N VAL B 303 13.61 -18.89 13.77
CA VAL B 303 13.36 -17.46 13.78
C VAL B 303 14.45 -16.72 13.03
N GLU B 304 14.09 -15.71 12.25
CA GLU B 304 15.09 -14.84 11.62
C GLU B 304 14.77 -13.37 11.89
N ALA B 305 15.71 -12.66 12.51
CA ALA B 305 15.52 -11.26 12.86
C ALA B 305 16.35 -10.35 11.95
N GLU B 306 15.80 -9.18 11.66
CA GLU B 306 16.36 -8.30 10.64
C GLU B 306 15.92 -6.86 10.86
N ALA B 307 16.58 -5.92 10.20
CA ALA B 307 16.03 -4.59 10.05
C ALA B 307 14.98 -4.65 8.94
N ALA B 308 13.92 -3.85 9.05
CA ALA B 308 12.90 -3.79 8.01
C ALA B 308 13.32 -2.85 6.89
N HIS B 309 14.11 -1.83 7.23
CA HIS B 309 14.56 -0.86 6.25
C HIS B 309 15.67 -1.45 5.37
N GLY B 310 16.14 -0.67 4.41
CA GLY B 310 17.18 -1.11 3.52
C GLY B 310 18.58 -0.74 3.96
N THR B 311 19.49 -0.69 2.99
CA THR B 311 20.91 -0.48 3.24
C THR B 311 21.26 1.00 3.34
N VAL B 312 20.22 1.83 3.30
CA VAL B 312 20.30 3.29 3.39
C VAL B 312 21.34 3.86 2.45
N THR B 313 21.17 3.57 1.16
CA THR B 313 22.15 3.92 0.14
C THR B 313 22.45 5.40 0.09
N ARG B 314 21.44 6.23 0.27
CA ARG B 314 21.61 7.67 0.15
C ARG B 314 22.54 8.23 1.24
N HIS B 315 22.51 7.64 2.42
CA HIS B 315 23.45 8.02 3.48
C HIS B 315 24.86 7.53 3.14
N TYR B 316 24.92 6.30 2.62
CA TYR B 316 26.18 5.69 2.22
C TYR B 316 26.90 6.51 1.17
N ARG B 317 26.14 7.09 0.23
CA ARG B 317 26.71 7.96 -0.80
C ARG B 317 27.39 9.18 -0.19
N MET B 318 26.77 9.75 0.83
CA MET B 318 27.37 10.89 1.52
C MET B 318 28.64 10.47 2.24
N TYR B 319 28.58 9.31 2.88
CA TYR B 319 29.71 8.74 3.60
C TYR B 319 30.91 8.51 2.66
N GLN B 320 30.62 8.03 1.45
CA GLN B 320 31.66 7.82 0.45
C GLN B 320 32.35 9.12 0.06
N LYS B 321 31.59 10.22 0.03
CA LYS B 321 32.13 11.52 -0.35
C LYS B 321 32.69 12.28 0.85
N GLY B 322 32.84 11.60 1.98
CA GLY B 322 33.48 12.19 3.15
C GLY B 322 32.58 12.96 4.10
N GLN B 323 31.28 13.02 3.76
CA GLN B 323 30.34 13.79 4.55
C GLN B 323 29.87 13.05 5.80
N GLU B 324 29.58 13.81 6.85
CA GLU B 324 29.12 13.22 8.10
C GLU B 324 27.74 12.60 7.90
N THR B 325 27.55 11.38 8.39
CA THR B 325 26.25 10.73 8.31
C THR B 325 25.68 10.49 9.70
N SER B 326 24.35 10.52 9.79
CA SER B 326 23.66 10.21 11.02
C SER B 326 22.56 9.20 10.74
N THR B 327 22.95 7.93 10.69
CA THR B 327 22.03 6.85 10.34
C THR B 327 21.61 6.11 11.59
N ASN B 328 20.30 5.87 11.73
CA ASN B 328 19.77 5.24 12.93
C ASN B 328 20.05 3.74 12.95
N PRO B 329 20.80 3.28 13.97
CA PRO B 329 21.20 1.88 14.10
C PRO B 329 20.24 1.00 14.90
N ILE B 330 19.21 1.59 15.49
CA ILE B 330 18.38 0.86 16.45
C ILE B 330 17.74 -0.41 15.88
N ALA B 331 17.18 -0.32 14.68
CA ALA B 331 16.54 -1.49 14.06
C ALA B 331 17.56 -2.62 13.88
N SER B 332 18.75 -2.28 13.41
CA SER B 332 19.80 -3.29 13.21
C SER B 332 20.24 -3.87 14.55
N ILE B 333 20.25 -3.03 15.57
CA ILE B 333 20.58 -3.47 16.92
C ILE B 333 19.53 -4.45 17.43
N PHE B 334 18.27 -4.14 17.17
CA PHE B 334 17.18 -4.99 17.64
C PHE B 334 17.12 -6.30 16.88
N ALA B 335 17.69 -6.35 15.68
CA ALA B 335 17.82 -7.61 14.96
C ALA B 335 18.63 -8.57 15.81
N TRP B 336 19.74 -8.07 16.35
CA TRP B 336 20.58 -8.86 17.24
C TRP B 336 19.88 -9.21 18.55
N SER B 337 19.23 -8.22 19.16
CA SER B 337 18.59 -8.43 20.45
C SER B 337 17.43 -9.41 20.33
N ARG B 338 16.64 -9.29 19.26
CA ARG B 338 15.52 -10.20 19.05
C ARG B 338 16.03 -11.60 18.73
N GLY B 339 17.12 -11.68 17.97
CA GLY B 339 17.74 -12.94 17.64
C GLY B 339 18.30 -13.63 18.88
N LEU B 340 19.11 -12.91 19.65
CA LEU B 340 19.71 -13.45 20.86
C LEU B 340 18.66 -13.83 21.89
N ALA B 341 17.59 -13.05 21.99
CA ALA B 341 16.51 -13.33 22.92
C ALA B 341 15.84 -14.66 22.60
N HIS B 342 15.65 -14.94 21.31
CA HIS B 342 15.04 -16.20 20.91
C HIS B 342 16.01 -17.35 21.16
N ARG B 343 17.27 -17.14 20.84
CA ARG B 343 18.33 -18.10 21.14
C ARG B 343 18.26 -18.50 22.61
N ALA B 344 18.04 -17.51 23.47
CA ALA B 344 17.98 -17.72 24.89
C ALA B 344 16.78 -18.58 25.29
N LYS B 345 15.60 -18.24 24.77
CA LYS B 345 14.39 -19.00 25.07
C LYS B 345 14.55 -20.47 24.67
N LEU B 346 15.25 -20.70 23.56
CA LEU B 346 15.49 -22.05 23.07
C LEU B 346 16.35 -22.87 24.02
N ASP B 347 17.41 -22.25 24.54
CA ASP B 347 18.39 -22.95 25.37
C ASP B 347 18.14 -22.78 26.87
N ASN B 348 16.98 -22.23 27.22
CA ASN B 348 16.65 -21.91 28.60
C ASN B 348 17.72 -21.01 29.24
N ASN B 349 18.36 -20.21 28.40
CA ASN B 349 19.50 -19.40 28.79
C ASN B 349 19.09 -18.09 29.45
N THR B 350 18.90 -18.13 30.77
CA THR B 350 18.41 -16.98 31.51
C THR B 350 19.37 -15.79 31.48
N GLU B 351 20.67 -16.05 31.33
CA GLU B 351 21.64 -14.96 31.35
C GLU B 351 21.70 -14.24 29.99
N LEU B 352 21.36 -14.94 28.91
CA LEU B 352 21.34 -14.31 27.59
C LEU B 352 20.05 -13.50 27.39
N SER B 353 18.94 -14.00 27.92
CA SER B 353 17.67 -13.28 27.87
C SER B 353 17.82 -11.90 28.49
N PHE B 354 18.51 -11.85 29.62
CA PHE B 354 18.76 -10.61 30.33
C PHE B 354 19.58 -9.65 29.50
N PHE B 355 20.64 -10.17 28.89
CA PHE B 355 21.49 -9.36 28.05
C PHE B 355 20.71 -8.77 26.87
N ALA B 356 19.85 -9.59 26.28
CA ALA B 356 19.05 -9.16 25.14
C ALA B 356 18.14 -8.01 25.54
N LYS B 357 17.40 -8.19 26.63
CA LYS B 357 16.54 -7.16 27.16
C LYS B 357 17.34 -5.90 27.49
N ALA B 358 18.51 -6.09 28.09
CA ALA B 358 19.38 -4.99 28.47
C ALA B 358 19.82 -4.17 27.27
N LEU B 359 20.12 -4.86 26.17
CA LEU B 359 20.51 -4.20 24.93
C LEU B 359 19.40 -3.29 24.43
N GLU B 360 18.17 -3.77 24.47
CA GLU B 360 17.01 -3.01 24.02
C GLU B 360 16.70 -1.82 24.94
N ASP B 361 16.74 -2.05 26.25
CA ASP B 361 16.46 -0.98 27.21
C ASP B 361 17.46 0.16 27.07
N VAL B 362 18.72 -0.17 26.82
CA VAL B 362 19.77 0.82 26.64
C VAL B 362 19.49 1.74 25.45
N CYS B 363 18.97 1.16 24.37
CA CYS B 363 18.60 1.96 23.20
C CYS B 363 17.53 2.98 23.55
N ILE B 364 16.47 2.51 24.18
CA ILE B 364 15.34 3.36 24.52
C ILE B 364 15.76 4.41 25.56
N GLU B 365 16.44 3.96 26.61
CA GLU B 365 16.90 4.86 27.66
C GLU B 365 17.74 6.00 27.10
N THR B 366 18.66 5.67 26.19
CA THR B 366 19.57 6.64 25.60
C THR B 366 18.84 7.69 24.79
N ILE B 367 17.90 7.24 23.97
CA ILE B 367 17.12 8.14 23.14
C ILE B 367 16.27 9.05 24.03
N GLU B 368 15.61 8.45 25.01
CA GLU B 368 14.75 9.19 25.92
C GLU B 368 15.56 10.18 26.79
N ALA B 369 16.87 9.97 26.87
CA ALA B 369 17.77 10.85 27.61
C ALA B 369 18.25 12.04 26.77
N GLY B 370 17.81 12.09 25.52
CA GLY B 370 18.14 13.22 24.65
C GLY B 370 19.26 12.94 23.67
N PHE B 371 19.71 11.70 23.62
CA PHE B 371 20.79 11.33 22.71
C PHE B 371 20.26 10.44 21.56
N MET B 372 20.30 10.99 20.35
CA MET B 372 19.64 10.37 19.20
C MET B 372 20.27 10.78 17.89
N THR B 373 19.97 10.03 16.83
CA THR B 373 20.39 10.40 15.48
C THR B 373 19.46 11.45 14.88
N LYS B 374 19.84 11.96 13.72
CA LYS B 374 19.16 13.11 13.12
C LYS B 374 17.68 12.86 12.81
N ASP B 375 17.34 11.64 12.40
CA ASP B 375 15.96 11.33 12.09
C ASP B 375 15.07 11.54 13.30
N LEU B 376 15.54 11.09 14.46
CA LEU B 376 14.74 11.20 15.67
C LEU B 376 14.68 12.65 16.15
N ALA B 377 15.77 13.38 15.98
CA ALA B 377 15.80 14.80 16.31
C ALA B 377 14.83 15.56 15.43
N ALA B 378 14.68 15.10 14.19
CA ALA B 378 13.77 15.74 13.25
C ALA B 378 12.32 15.49 13.65
N CYS B 379 12.06 14.38 14.33
CA CYS B 379 10.72 14.10 14.84
C CYS B 379 10.33 15.17 15.86
N ILE B 380 11.30 15.56 16.68
CA ILE B 380 11.04 16.48 17.78
C ILE B 380 10.96 17.92 17.31
N LYS B 381 11.95 18.35 16.53
CA LYS B 381 12.11 19.76 16.18
C LYS B 381 11.49 20.11 14.84
N GLY B 382 11.34 19.11 13.98
CA GLY B 382 11.00 19.34 12.58
C GLY B 382 12.30 19.40 11.80
N LEU B 383 12.31 18.82 10.61
CA LEU B 383 13.53 18.78 9.80
C LEU B 383 14.15 20.17 9.53
N PRO B 384 13.34 21.19 9.20
CA PRO B 384 13.99 22.48 8.94
C PRO B 384 14.66 23.09 10.17
N ASN B 385 14.19 22.75 11.36
CA ASN B 385 14.67 23.38 12.58
C ASN B 385 15.75 22.58 13.29
N VAL B 386 16.15 21.46 12.69
CA VAL B 386 17.21 20.63 13.26
C VAL B 386 18.58 21.27 13.08
N GLN B 387 19.38 21.29 14.15
CA GLN B 387 20.76 21.74 14.08
C GLN B 387 21.70 20.61 14.51
N ARG B 388 22.98 20.78 14.23
CA ARG B 388 23.97 19.73 14.52
C ARG B 388 24.03 19.41 16.00
N SER B 389 23.78 20.41 16.83
CA SER B 389 23.81 20.25 18.28
C SER B 389 22.67 19.37 18.80
N ASP B 390 21.65 19.17 17.97
CA ASP B 390 20.46 18.43 18.38
C ASP B 390 20.62 16.91 18.33
N TYR B 391 21.66 16.43 17.64
CA TYR B 391 21.82 15.00 17.47
C TYR B 391 23.29 14.58 17.44
N LEU B 392 23.51 13.28 17.36
CA LEU B 392 24.83 12.71 17.19
C LEU B 392 24.93 12.04 15.83
N ASN B 393 26.15 11.94 15.28
CA ASN B 393 26.33 11.17 14.06
C ASN B 393 26.31 9.69 14.41
N THR B 394 26.34 8.84 13.39
CA THR B 394 26.16 7.40 13.55
C THR B 394 27.11 6.81 14.59
N PHE B 395 28.37 7.22 14.49
CA PHE B 395 29.42 6.64 15.32
C PHE B 395 29.40 7.24 16.73
N GLU B 396 29.11 8.54 16.81
CA GLU B 396 28.90 9.22 18.08
C GLU B 396 27.78 8.55 18.87
N PHE B 397 26.69 8.21 18.19
CA PHE B 397 25.54 7.56 18.83
C PHE B 397 25.87 6.12 19.23
N MET B 398 26.59 5.39 18.38
CA MET B 398 26.95 4.02 18.68
C MET B 398 27.86 3.93 19.91
N ASP B 399 28.73 4.93 20.08
CA ASP B 399 29.62 4.96 21.23
C ASP B 399 28.84 5.23 22.52
N LYS B 400 27.90 6.15 22.47
CA LYS B 400 27.06 6.44 23.63
C LYS B 400 26.29 5.20 24.05
N LEU B 401 25.76 4.46 23.07
CA LEU B 401 25.07 3.21 23.37
C LEU B 401 26.04 2.22 24.01
N GLY B 402 27.27 2.19 23.52
CA GLY B 402 28.30 1.31 24.06
C GLY B 402 28.50 1.47 25.55
N GLU B 403 28.69 2.71 26.00
CA GLU B 403 28.88 3.00 27.41
C GLU B 403 27.70 2.54 28.25
N ASN B 404 26.52 3.06 27.93
CA ASN B 404 25.31 2.79 28.69
C ASN B 404 25.04 1.30 28.83
N LEU B 405 25.37 0.55 27.78
CA LEU B 405 25.21 -0.89 27.81
C LEU B 405 26.06 -1.51 28.92
N LYS B 406 27.34 -1.14 28.97
CA LYS B 406 28.27 -1.71 29.93
C LYS B 406 27.82 -1.43 31.37
N ALA B 407 27.44 -0.18 31.63
CA ALA B 407 26.97 0.22 32.95
C ALA B 407 25.73 -0.57 33.37
N LYS B 408 24.80 -0.76 32.44
CA LYS B 408 23.57 -1.49 32.72
C LYS B 408 23.86 -2.94 33.11
N LEU B 409 24.78 -3.57 32.37
CA LEU B 409 25.18 -4.95 32.61
C LEU B 409 25.91 -5.10 33.94
N ALA B 410 26.79 -4.15 34.24
CA ALA B 410 27.53 -4.13 35.49
C ALA B 410 26.59 -4.09 36.70
N GLN B 411 25.63 -3.17 36.67
CA GLN B 411 24.76 -2.91 37.82
C GLN B 411 23.94 -4.13 38.24
N ALA B 412 23.56 -4.96 37.26
CA ALA B 412 22.71 -6.11 37.56
C ALA B 412 23.50 -7.42 37.60
PA NAP C . -16.09 1.88 1.80
O1A NAP C . -15.22 2.91 1.20
O2A NAP C . -17.42 1.82 1.16
O5B NAP C . -16.22 2.22 3.37
C5B NAP C . -15.36 1.65 4.32
C4B NAP C . -15.32 2.56 5.52
O4B NAP C . -14.69 3.78 5.18
C3B NAP C . -16.70 3.00 6.01
O3B NAP C . -17.28 2.04 6.86
C2B NAP C . -16.36 4.30 6.72
O2B NAP C . -15.65 4.08 7.90
C1B NAP C . -15.32 4.89 5.80
N9A NAP C . -15.96 5.74 4.79
C8A NAP C . -15.94 5.56 3.43
N7A NAP C . -16.65 6.55 2.85
C5A NAP C . -17.13 7.37 3.82
C6A NAP C . -17.90 8.52 3.77
N6A NAP C . -18.31 9.00 2.60
N1A NAP C . -18.24 9.16 4.94
C2A NAP C . -17.82 8.66 6.15
N3A NAP C . -17.05 7.51 6.19
C4A NAP C . -16.70 6.88 5.04
O3 NAP C . -15.30 0.47 1.78
PN NAP C . -15.75 -1.07 2.00
O1N NAP C . -14.52 -1.89 2.03
O2N NAP C . -16.69 -1.10 3.15
O5D NAP C . -16.58 -1.47 0.69
C5D NAP C . -17.99 -1.35 0.66
C4D NAP C . -18.47 -1.60 -0.76
O4D NAP C . -18.03 -0.58 -1.62
C3D NAP C . -17.91 -2.91 -1.30
O3D NAP C . -18.94 -3.63 -1.94
C2D NAP C . -16.85 -2.48 -2.30
O2D NAP C . -16.80 -3.38 -3.38
C1D NAP C . -17.36 -1.12 -2.75
N1N NAP C . -16.33 -0.15 -3.17
C2N NAP C . -16.56 0.57 -4.30
C3N NAP C . -15.65 1.52 -4.75
C7N NAP C . -16.03 2.36 -5.95
O7N NAP C . -17.17 1.99 -6.69
N7N NAP C . -15.27 3.41 -6.28
C4N NAP C . -14.50 1.77 -4.01
C5N NAP C . -14.29 1.05 -2.84
C6N NAP C . -15.20 0.09 -2.42
P2B NAP C . -16.32 3.72 9.33
O1X NAP C . -15.21 3.63 10.35
O2X NAP C . -17.27 4.82 9.72
O3X NAP C . -17.02 2.40 9.20
C1 GOL D . 8.30 20.24 -3.30
O1 GOL D . 7.05 20.92 -3.35
C2 GOL D . 8.41 19.39 -2.05
O2 GOL D . 7.56 19.91 -1.04
C3 GOL D . 8.06 17.94 -2.36
O3 GOL D . 7.96 17.20 -1.16
PA NAP E . 16.20 2.27 2.46
O1A NAP E . 15.46 1.48 3.47
O2A NAP E . 17.63 1.90 2.40
O5B NAP E . 15.94 3.79 2.88
C5B NAP E . 15.72 4.80 1.94
C4B NAP E . 15.50 6.01 2.82
O4B NAP E . 14.86 5.61 4.02
C3B NAP E . 16.82 6.62 3.27
O3B NAP E . 17.32 7.51 2.31
C2B NAP E . 16.40 7.29 4.56
O2B NAP E . 15.69 8.48 4.31
C1B NAP E . 15.39 6.33 5.13
N9A NAP E . 16.00 5.39 6.09
C8A NAP E . 15.95 4.02 6.00
N7A NAP E . 16.61 3.48 7.05
C5A NAP E . 17.07 4.49 7.82
C6A NAP E . 17.80 4.49 9.01
N6A NAP E . 18.16 3.34 9.58
N1A NAP E . 18.14 5.68 9.60
C2A NAP E . 17.76 6.87 9.01
N3A NAP E . 17.04 6.87 7.83
C4A NAP E . 16.69 5.69 7.24
O3 NAP E . 15.49 2.14 1.02
PN NAP E . 16.02 2.29 -0.49
O1N NAP E . 14.84 2.30 -1.38
O2N NAP E . 16.96 3.43 -0.58
O5D NAP E . 16.84 0.93 -0.74
C5D NAP E . 18.24 0.91 -0.72
C4D NAP E . 18.75 -0.50 -0.92
O4D NAP E . 18.34 -1.33 0.15
C3D NAP E . 18.19 -1.12 -2.19
O3D NAP E . 19.24 -1.75 -2.88
C2D NAP E . 17.19 -2.15 -1.71
O2D NAP E . 17.16 -3.29 -2.55
C1D NAP E . 17.71 -2.49 -0.33
N1N NAP E . 16.67 -2.89 0.64
C2N NAP E . 16.89 -3.98 1.42
C3N NAP E . 15.96 -4.39 2.36
C7N NAP E . 16.34 -5.51 3.28
O7N NAP E . 17.47 -6.30 2.97
N7N NAP E . 15.58 -5.75 4.36
C4N NAP E . 14.79 -3.66 2.53
C5N NAP E . 14.57 -2.54 1.73
C6N NAP E . 15.51 -2.15 0.78
P2B NAP E . 16.37 9.89 3.92
O1X NAP E . 15.27 10.92 3.76
O2X NAP E . 17.31 10.30 5.02
O3X NAP E . 17.10 9.76 2.60
#